data_3NRE
#
_entry.id   3NRE
#
_cell.length_a   73.733
_cell.length_b   72.005
_cell.length_c   272.790
_cell.angle_alpha   90.000
_cell.angle_beta   90.700
_cell.angle_gamma   90.000
#
_symmetry.space_group_name_H-M   'C 1 2 1'
#
loop_
_entity.id
_entity.type
_entity.pdbx_description
1 polymer 'Aldose 1-epimerase'
2 non-polymer DI(HYDROXYETHYL)ETHER
3 non-polymer 'MAGNESIUM ION'
4 water water
#
_entity_poly.entity_id   1
_entity_poly.type   'polypeptide(L)'
_entity_poly.pdbx_seq_one_letter_code
;G(MSE)TIYTLSHGSLKLDVSDQGGVIEGFWRDTTPLLRPGKKSGVATDASCFPLVPFANRVSGNRFVWQGREYQLQPNV
EWDAHYLHGDGWLGEWQCVSHSDDSLCLVYEHRSGVYHYRVSQAFHLTADTLTVTLSVTNQGAETLPFGTGWHPYFPLSP
QTRIQAQASGYWLEREQWLAGEFCEQLPQELDFNQPAPLPRQWVNNGFAGWNGQARIEQPQEGYAII(MSE)ETTPPAPC
YFIFVSDPAFDKGYAFDFFCLEP(MSE)SHAPDDHHRPEGGDLIALAPGESTTSE(MSE)SLRVEWL
;
_entity_poly.pdbx_strand_id   A,B,C,D
#
loop_
_chem_comp.id
_chem_comp.type
_chem_comp.name
_chem_comp.formula
MG non-polymer 'MAGNESIUM ION' 'Mg 2'
PEG non-polymer DI(HYDROXYETHYL)ETHER 'C4 H10 O3'
#
# COMPACT_ATOMS: atom_id res chain seq x y z
N GLY A 1 29.77 28.44 4.74
N GLY A 1 30.50 28.88 -0.41
CA GLY A 1 29.78 28.21 3.27
CA GLY A 1 29.98 29.00 0.99
C GLY A 1 29.00 26.98 2.85
C GLY A 1 28.85 28.02 1.16
N MSE A 2 29.01 26.71 1.54
N MSE A 2 29.19 26.74 1.10
CA MSE A 2 28.22 25.65 0.93
C MSE A 2 28.88 24.32 1.30
O MSE A 2 30.13 24.18 1.31
CB MSE A 2 28.16 25.87 -0.54
CB MSE A 2 27.79 25.61 -0.58
CG MSE A 2 27.67 24.72 -1.28
CG MSE A 2 27.00 24.37 -1.20
SE MSE A 2 27.05 25.43 -2.92
SE MSE A 2 26.88 24.33 -3.25
CE MSE A 2 27.96 24.16 -3.99
CE MSE A 2 28.36 25.53 -3.59
N THR A 3 28.06 23.36 1.68
CA THR A 3 28.54 22.02 1.92
C THR A 3 27.66 21.03 1.21
N ILE A 4 28.30 20.02 0.58
CA ILE A 4 27.58 18.92 -0.02
C ILE A 4 27.97 17.60 0.70
N TYR A 5 26.95 16.90 1.14
CA TYR A 5 27.08 15.65 1.91
C TYR A 5 26.66 14.50 1.03
N THR A 6 27.46 13.44 0.96
CA THR A 6 27.15 12.28 0.14
C THR A 6 26.81 11.09 1.04
N LEU A 7 25.76 10.39 0.67
CA LEU A 7 25.39 9.08 1.29
C LEU A 7 25.42 8.05 0.23
N SER A 8 25.69 6.80 0.59
CA SER A 8 25.57 5.75 -0.36
C SER A 8 25.25 4.42 0.30
N HIS A 9 24.60 3.56 -0.46
CA HIS A 9 24.37 2.18 -0.06
C HIS A 9 24.22 1.37 -1.33
N GLY A 10 25.05 0.35 -1.48
CA GLY A 10 25.01 -0.46 -2.67
C GLY A 10 25.31 0.43 -3.87
N SER A 11 24.41 0.43 -4.86
CA SER A 11 24.59 1.19 -6.09
CA SER A 11 24.63 1.22 -6.06
C SER A 11 23.90 2.55 -5.99
N LEU A 12 23.24 2.81 -4.87
CA LEU A 12 22.50 4.11 -4.69
C LEU A 12 23.38 5.15 -4.05
N LYS A 13 23.29 6.37 -4.56
CA LYS A 13 24.09 7.48 -4.05
C LYS A 13 23.20 8.71 -4.00
N LEU A 14 23.34 9.46 -2.93
CA LEU A 14 22.58 10.69 -2.73
C LEU A 14 23.53 11.83 -2.33
N ASP A 15 23.36 12.97 -2.95
CA ASP A 15 24.06 14.20 -2.54
C ASP A 15 23.04 15.20 -1.98
N VAL A 16 23.38 15.85 -0.86
CA VAL A 16 22.50 16.81 -0.18
C VAL A 16 23.29 18.05 0.15
N SER A 17 22.70 19.23 -0.04
CA SER A 17 23.34 20.49 0.27
C SER A 17 22.73 21.14 1.49
N ASP A 18 23.56 21.82 2.26
CA ASP A 18 23.05 22.66 3.36
C ASP A 18 22.35 23.93 2.87
N GLN A 19 22.47 24.27 1.59
CA GLN A 19 21.80 25.43 1.02
C GLN A 19 20.37 24.99 0.70
N GLY A 20 19.44 25.34 1.57
CA GLY A 20 18.06 24.97 1.36
C GLY A 20 17.65 23.57 1.81
N GLY A 21 18.59 22.77 2.30
CA GLY A 21 18.32 21.41 2.62
C GLY A 21 17.91 20.59 1.42
N VAL A 22 18.51 20.91 0.29
CA VAL A 22 18.12 20.36 -0.98
C VAL A 22 18.91 19.11 -1.33
N ILE A 23 18.24 18.18 -1.98
CA ILE A 23 18.94 17.07 -2.65
C ILE A 23 19.56 17.63 -3.91
N GLU A 24 20.82 17.31 -4.13
CA GLU A 24 21.56 17.72 -5.37
C GLU A 24 21.82 16.57 -6.36
N GLY A 25 21.49 15.35 -5.95
CA GLY A 25 21.52 14.20 -6.83
C GLY A 25 21.05 12.95 -6.13
N PHE A 26 20.46 12.05 -6.91
CA PHE A 26 20.06 10.74 -6.46
C PHE A 26 20.21 9.82 -7.66
N TRP A 27 21.12 8.85 -7.53
CA TRP A 27 21.53 8.00 -8.64
C TRP A 27 21.58 6.53 -8.25
N ARG A 28 21.34 5.68 -9.25
CA ARG A 28 21.61 4.26 -9.14
CA ARG A 28 21.59 4.22 -9.16
C ARG A 28 22.70 4.02 -10.16
N ASP A 29 23.90 3.66 -9.70
CA ASP A 29 25.08 3.65 -10.58
C ASP A 29 25.16 5.06 -11.20
N THR A 30 25.24 5.19 -12.53
CA THR A 30 25.33 6.50 -13.20
C THR A 30 23.95 7.03 -13.68
N THR A 31 22.88 6.31 -13.36
CA THR A 31 21.52 6.63 -13.80
C THR A 31 20.86 7.60 -12.80
N PRO A 32 20.46 8.79 -13.29
CA PRO A 32 19.80 9.74 -12.41
C PRO A 32 18.36 9.36 -12.16
N LEU A 33 18.03 9.26 -10.89
CA LEU A 33 16.65 8.96 -10.48
C LEU A 33 15.86 10.22 -10.29
N LEU A 34 16.56 11.27 -9.80
CA LEU A 34 16.05 12.63 -9.80
C LEU A 34 16.96 13.42 -10.75
N ARG A 35 16.46 14.53 -11.24
CA ARG A 35 17.19 15.40 -12.09
C ARG A 35 18.48 15.80 -11.35
N PRO A 36 19.66 15.66 -11.98
CA PRO A 36 20.88 16.08 -11.27
C PRO A 36 20.83 17.58 -10.95
N GLY A 37 21.16 17.95 -9.71
CA GLY A 37 21.28 19.36 -9.37
C GLY A 37 22.48 20.06 -9.91
N LYS A 38 22.38 21.39 -10.05
CA LYS A 38 23.52 22.20 -10.45
C LYS A 38 24.47 22.58 -9.35
N LYS A 39 24.13 22.29 -8.10
CA LYS A 39 25.00 22.64 -6.97
C LYS A 39 25.36 24.14 -7.00
N SER A 40 24.33 24.93 -7.32
CA SER A 40 24.49 26.39 -7.53
C SER A 40 24.12 27.17 -6.27
N GLY A 41 23.44 26.52 -5.33
CA GLY A 41 22.88 27.17 -4.12
C GLY A 41 21.52 27.79 -4.34
N VAL A 42 20.94 27.57 -5.54
CA VAL A 42 19.61 28.01 -5.86
C VAL A 42 18.72 26.75 -5.90
N ALA A 43 17.74 26.72 -5.03
CA ALA A 43 16.92 25.50 -4.85
C ALA A 43 16.19 25.03 -6.09
N THR A 44 15.77 25.95 -6.93
CA THR A 44 15.08 25.61 -8.18
C THR A 44 16.00 25.00 -9.24
N ASP A 45 17.31 24.96 -8.95
CA ASP A 45 18.27 24.23 -9.80
C ASP A 45 18.65 22.87 -9.23
N ALA A 46 18.07 22.50 -8.09
CA ALA A 46 18.45 21.27 -7.37
C ALA A 46 17.61 20.08 -7.81
N SER A 47 17.78 18.95 -7.14
CA SER A 47 16.98 17.73 -7.43
C SER A 47 15.66 17.67 -6.66
N CYS A 48 15.62 18.30 -5.48
CA CYS A 48 14.44 18.29 -4.59
C CYS A 48 14.64 19.34 -3.53
N PHE A 49 13.56 20.02 -3.12
CA PHE A 49 13.65 20.90 -1.97
C PHE A 49 12.48 20.70 -1.03
N PRO A 50 12.66 21.01 0.25
CA PRO A 50 11.64 20.79 1.26
C PRO A 50 10.71 21.97 1.31
N LEU A 51 9.47 21.68 1.70
CA LEU A 51 8.45 22.72 1.85
C LEU A 51 8.08 22.81 3.34
N VAL A 52 8.46 23.91 3.98
CA VAL A 52 8.18 24.13 5.42
C VAL A 52 8.25 25.63 5.66
N PRO A 53 7.26 26.22 6.37
CA PRO A 53 6.23 25.59 7.20
C PRO A 53 4.89 25.38 6.52
N PHE A 54 4.85 25.53 5.20
CA PHE A 54 3.72 25.04 4.38
C PHE A 54 4.16 25.05 2.94
N ALA A 55 3.34 24.46 2.08
CA ALA A 55 3.69 24.37 0.67
C ALA A 55 2.89 25.37 -0.15
N ASN A 56 3.47 25.79 -1.28
CA ASN A 56 2.81 26.56 -2.31
C ASN A 56 2.54 28.00 -1.79
N ARG A 57 1.46 28.61 -2.23
CA ARG A 57 1.18 30.02 -2.01
C ARG A 57 -0.12 30.19 -1.23
N VAL A 58 -0.26 31.31 -0.50
CA VAL A 58 -1.50 31.69 0.17
C VAL A 58 -2.03 32.91 -0.60
N SER A 59 -3.13 32.73 -1.34
CA SER A 59 -3.58 33.82 -2.24
C SER A 59 -3.84 35.07 -1.47
N GLY A 60 -3.28 36.16 -1.98
CA GLY A 60 -3.37 37.47 -1.34
C GLY A 60 -2.29 37.77 -0.31
N ASN A 61 -1.44 36.79 -0.03
CA ASN A 61 -0.36 36.91 0.98
C ASN A 61 -0.93 37.32 2.34
N ARG A 62 -2.09 36.77 2.65
CA ARG A 62 -2.72 37.00 3.96
C ARG A 62 -3.66 35.88 4.33
N PHE A 63 -3.97 35.79 5.62
CA PHE A 63 -4.89 34.81 6.12
C PHE A 63 -5.31 35.19 7.53
N VAL A 64 -6.44 34.65 7.95
CA VAL A 64 -6.93 34.83 9.32
C VAL A 64 -6.76 33.51 10.03
N TRP A 65 -6.21 33.56 11.23
CA TRP A 65 -6.13 32.37 12.09
C TRP A 65 -6.50 32.74 13.51
N GLN A 66 -7.49 32.02 14.03
CA GLN A 66 -8.02 32.25 15.39
C GLN A 66 -8.29 33.74 15.65
N GLY A 67 -9.02 34.34 14.72
CA GLY A 67 -9.39 35.73 14.79
C GLY A 67 -8.34 36.80 14.54
N ARG A 68 -7.15 36.44 14.04
CA ARG A 68 -6.11 37.44 13.83
C ARG A 68 -5.61 37.41 12.38
N GLU A 69 -5.39 38.62 11.81
CA GLU A 69 -5.00 38.76 10.40
C GLU A 69 -3.48 38.74 10.31
N TYR A 70 -2.94 37.82 9.52
CA TYR A 70 -1.51 37.69 9.34
C TYR A 70 -1.20 38.05 7.88
N GLN A 71 -0.06 38.70 7.67
CA GLN A 71 0.33 39.11 6.30
C GLN A 71 1.73 38.67 5.99
N LEU A 72 1.90 38.12 4.80
CA LEU A 72 3.16 37.57 4.34
C LEU A 72 3.76 38.49 3.29
N GLN A 73 5.07 38.45 3.14
CA GLN A 73 5.76 39.28 2.13
C GLN A 73 6.44 38.35 1.17
N PRO A 74 6.56 38.77 -0.10
CA PRO A 74 7.21 37.91 -1.08
C PRO A 74 8.63 37.54 -0.66
N ASN A 75 8.99 36.28 -0.91
CA ASN A 75 10.29 35.74 -0.50
C ASN A 75 11.24 35.45 -1.66
N VAL A 76 10.71 35.43 -2.88
CA VAL A 76 11.56 35.29 -4.07
C VAL A 76 11.22 36.42 -5.04
N GLU A 77 12.23 36.89 -5.77
CA GLU A 77 12.06 38.08 -6.62
CA GLU A 77 12.06 38.09 -6.60
C GLU A 77 11.08 37.86 -7.74
N TRP A 78 10.98 36.61 -8.19
CA TRP A 78 10.21 36.25 -9.38
C TRP A 78 8.74 35.87 -9.16
N ASP A 79 8.25 35.95 -7.92
CA ASP A 79 6.84 35.63 -7.58
C ASP A 79 6.30 36.70 -6.61
N ALA A 80 5.14 37.27 -6.93
CA ALA A 80 4.44 38.19 -6.03
C ALA A 80 3.98 37.53 -4.73
N HIS A 81 3.77 36.22 -4.79
CA HIS A 81 3.35 35.51 -3.60
C HIS A 81 4.51 34.86 -2.88
N TYR A 82 4.48 34.99 -1.57
CA TYR A 82 5.29 34.16 -0.69
C TYR A 82 5.05 32.72 -1.10
N LEU A 83 6.14 31.98 -1.29
CA LEU A 83 6.10 30.65 -1.91
C LEU A 83 6.88 29.61 -1.10
N HIS A 84 6.24 28.47 -0.78
CA HIS A 84 6.92 27.23 -0.30
C HIS A 84 7.66 27.40 1.01
N GLY A 85 7.28 28.40 1.81
CA GLY A 85 7.92 28.54 3.11
C GLY A 85 9.32 29.13 3.05
N ASP A 86 10.12 28.89 4.10
CA ASP A 86 11.46 29.45 4.19
C ASP A 86 12.59 28.43 4.11
N GLY A 87 12.28 27.17 4.37
CA GLY A 87 13.33 26.17 4.44
C GLY A 87 14.20 26.10 3.19
N TRP A 88 13.53 26.07 2.05
CA TRP A 88 14.23 25.99 0.77
C TRP A 88 15.19 27.14 0.47
N LEU A 89 15.05 28.28 1.17
CA LEU A 89 15.86 29.45 0.98
C LEU A 89 16.93 29.66 2.08
N GLY A 90 16.87 28.87 3.11
CA GLY A 90 17.74 29.07 4.30
C GLY A 90 18.95 28.18 4.30
N GLU A 91 19.91 28.52 5.13
CA GLU A 91 21.09 27.68 5.28
CA GLU A 91 21.09 27.69 5.29
C GLU A 91 20.92 26.75 6.49
N TRP A 92 21.08 25.44 6.26
CA TRP A 92 20.84 24.44 7.29
C TRP A 92 22.16 24.03 7.91
N GLN A 93 22.09 23.38 9.08
CA GLN A 93 23.25 22.88 9.79
C GLN A 93 23.17 21.38 9.87
N CYS A 94 24.30 20.71 9.68
CA CYS A 94 24.35 19.26 9.81
C CYS A 94 24.53 18.87 11.29
N VAL A 95 23.68 17.99 11.78
CA VAL A 95 23.79 17.39 13.14
C VAL A 95 24.23 15.92 13.13
N SER A 96 24.15 15.24 11.98
CA SER A 96 24.66 13.87 11.85
CA SER A 96 24.70 13.92 11.87
C SER A 96 24.90 13.52 10.41
N HIS A 97 25.95 12.73 10.19
CA HIS A 97 26.26 12.26 8.85
C HIS A 97 27.01 10.97 8.99
N SER A 98 26.43 9.91 8.45
CA SER A 98 27.07 8.62 8.40
CA SER A 98 27.07 8.62 8.40
C SER A 98 27.06 8.14 6.97
N ASP A 99 27.55 6.93 6.73
CA ASP A 99 27.61 6.43 5.37
C ASP A 99 26.26 6.41 4.64
N ASP A 100 25.17 6.12 5.35
CA ASP A 100 23.85 5.97 4.71
C ASP A 100 22.76 6.82 5.38
N SER A 101 23.15 7.77 6.24
CA SER A 101 22.20 8.71 6.85
C SER A 101 22.76 10.13 7.07
N LEU A 102 21.84 11.10 7.05
CA LEU A 102 22.15 12.49 7.23
C LEU A 102 20.97 13.15 7.93
N CYS A 103 21.26 14.08 8.83
CA CYS A 103 20.27 14.95 9.43
C CYS A 103 20.75 16.41 9.46
N LEU A 104 19.90 17.29 8.92
CA LEU A 104 20.10 18.71 8.89
C LEU A 104 18.98 19.41 9.68
N VAL A 105 19.31 20.56 10.24
CA VAL A 105 18.33 21.38 10.97
C VAL A 105 18.38 22.85 10.49
N TYR A 106 17.22 23.50 10.55
CA TYR A 106 17.11 24.91 10.21
C TYR A 106 16.19 25.55 11.26
N GLU A 107 16.58 26.72 11.74
CA GLU A 107 15.80 27.55 12.68
CA GLU A 107 15.78 27.53 12.67
C GLU A 107 15.41 28.86 12.01
N HIS A 108 14.13 29.22 12.09
CA HIS A 108 13.60 30.45 11.49
C HIS A 108 12.99 31.33 12.57
N ARG A 109 13.43 32.59 12.63
CA ARG A 109 12.98 33.55 13.65
C ARG A 109 12.72 34.93 13.03
N SER A 110 12.03 34.94 11.90
CA SER A 110 11.54 36.17 11.29
C SER A 110 10.23 35.87 10.57
N GLY A 111 9.54 36.91 10.14
CA GLY A 111 8.27 36.73 9.47
C GLY A 111 7.16 36.22 10.38
N VAL A 112 6.18 35.59 9.77
CA VAL A 112 4.93 35.20 10.42
C VAL A 112 5.17 33.96 11.33
N TYR A 113 5.85 32.94 10.79
CA TYR A 113 6.11 31.68 11.47
C TYR A 113 7.55 31.62 12.01
N HIS A 114 7.68 31.29 13.31
CA HIS A 114 8.97 30.99 13.92
C HIS A 114 8.96 29.49 14.23
N TYR A 115 10.05 28.80 13.91
CA TYR A 115 10.08 27.35 14.06
C TYR A 115 11.49 26.81 13.90
N ARG A 116 11.63 25.55 14.33
CA ARG A 116 12.81 24.72 14.07
CA ARG A 116 12.81 24.74 14.05
C ARG A 116 12.35 23.52 13.25
N VAL A 117 13.13 23.15 12.24
CA VAL A 117 12.79 21.98 11.45
C VAL A 117 14.03 21.11 11.30
N SER A 118 13.83 19.79 11.35
CA SER A 118 14.83 18.82 11.02
C SER A 118 14.42 18.08 9.74
N GLN A 119 15.44 17.75 8.93
CA GLN A 119 15.24 16.92 7.76
C GLN A 119 16.27 15.80 7.82
N ALA A 120 15.76 14.55 7.92
CA ALA A 120 16.55 13.32 7.93
C ALA A 120 16.44 12.55 6.63
N PHE A 121 17.58 12.05 6.18
CA PHE A 121 17.68 11.28 4.94
C PHE A 121 18.25 9.91 5.30
N HIS A 122 17.72 8.85 4.70
CA HIS A 122 18.25 7.50 4.89
C HIS A 122 18.22 6.70 3.60
N LEU A 123 19.30 5.95 3.34
CA LEU A 123 19.40 5.10 2.15
C LEU A 123 19.48 3.66 2.57
N THR A 124 18.70 2.81 1.91
CA THR A 124 18.96 1.37 1.93
C THR A 124 19.36 0.99 0.52
N ALA A 125 19.41 -0.30 0.19
CA ALA A 125 19.89 -0.67 -1.16
C ALA A 125 18.93 -0.27 -2.29
N ASP A 126 17.64 -0.05 -1.97
CA ASP A 126 16.68 0.35 -3.01
C ASP A 126 15.78 1.53 -2.64
N THR A 127 15.87 2.09 -1.43
CA THR A 127 14.97 3.12 -0.99
CA THR A 127 14.95 3.11 -0.99
C THR A 127 15.65 4.29 -0.30
N LEU A 128 15.18 5.48 -0.65
CA LEU A 128 15.54 6.72 0.03
C LEU A 128 14.33 7.13 0.87
N THR A 129 14.56 7.38 2.17
CA THR A 129 13.52 7.88 3.08
C THR A 129 13.95 9.28 3.57
N VAL A 130 13.04 10.23 3.47
CA VAL A 130 13.27 11.60 3.89
C VAL A 130 12.14 11.96 4.85
N THR A 131 12.51 12.54 6.00
CA THR A 131 11.59 12.85 7.08
CA THR A 131 11.53 12.89 7.03
C THR A 131 11.74 14.35 7.47
N LEU A 132 10.63 15.09 7.46
CA LEU A 132 10.60 16.47 7.94
C LEU A 132 9.79 16.51 9.24
N SER A 133 10.35 17.13 10.28
CA SER A 133 9.70 17.33 11.57
C SER A 133 9.87 18.80 11.95
N VAL A 134 8.73 19.47 12.20
CA VAL A 134 8.73 20.92 12.41
C VAL A 134 8.06 21.22 13.72
N THR A 135 8.71 22.10 14.49
CA THR A 135 8.23 22.48 15.81
C THR A 135 7.92 23.98 15.82
N ASN A 136 6.71 24.35 16.26
CA ASN A 136 6.35 25.76 16.40
C ASN A 136 7.14 26.37 17.57
N GLN A 137 7.88 27.43 17.28
CA GLN A 137 8.66 28.18 18.26
C GLN A 137 8.17 29.64 18.44
N GLY A 138 6.99 29.95 17.89
CA GLY A 138 6.41 31.28 18.02
C GLY A 138 5.60 31.40 19.31
N ALA A 139 4.92 32.54 19.46
CA ALA A 139 4.15 32.86 20.67
C ALA A 139 2.67 32.44 20.53
N GLU A 140 2.24 32.06 19.33
CA GLU A 140 0.86 31.67 19.03
C GLU A 140 0.73 30.41 18.19
N THR A 141 -0.37 29.68 18.38
CA THR A 141 -0.72 28.55 17.53
C THR A 141 -0.93 28.98 16.06
N LEU A 142 -0.30 28.27 15.10
CA LEU A 142 -0.46 28.51 13.65
C LEU A 142 -0.63 27.20 12.92
N PRO A 143 -1.19 27.23 11.70
CA PRO A 143 -1.41 26.00 10.94
C PRO A 143 -0.22 25.66 10.04
N PHE A 144 0.27 24.43 10.16
CA PHE A 144 1.48 23.96 9.54
C PHE A 144 1.24 22.86 8.52
N GLY A 145 2.17 22.81 7.59
CA GLY A 145 2.22 21.68 6.68
C GLY A 145 3.67 21.44 6.24
N THR A 146 3.85 20.31 5.57
CA THR A 146 5.15 19.88 5.02
C THR A 146 4.97 19.22 3.68
N GLY A 147 6.09 19.15 2.97
CA GLY A 147 6.08 18.52 1.68
C GLY A 147 7.42 18.63 1.05
N TRP A 148 7.47 18.15 -0.18
CA TRP A 148 8.68 18.23 -0.97
C TRP A 148 8.35 18.51 -2.40
N HIS A 149 9.40 18.96 -3.09
CA HIS A 149 9.33 19.39 -4.46
C HIS A 149 10.40 18.71 -5.30
N PRO A 150 10.24 17.41 -5.56
CA PRO A 150 11.24 16.71 -6.36
C PRO A 150 11.10 16.95 -7.85
N TYR A 151 12.25 17.00 -8.51
CA TYR A 151 12.35 17.11 -9.94
C TYR A 151 12.78 15.77 -10.51
N PHE A 152 11.94 15.17 -11.37
CA PHE A 152 12.26 13.89 -11.99
C PHE A 152 12.64 14.06 -13.46
N PRO A 153 13.50 13.15 -13.99
CA PRO A 153 13.84 13.18 -15.39
C PRO A 153 12.57 12.95 -16.20
N LEU A 154 12.50 13.56 -17.36
CA LEU A 154 11.36 13.31 -18.25
C LEU A 154 11.80 12.84 -19.60
N SER A 155 11.19 11.74 -20.04
CA SER A 155 11.39 11.16 -21.35
C SER A 155 10.04 11.10 -22.06
N PRO A 156 10.05 11.05 -23.43
CA PRO A 156 8.80 10.85 -24.16
C PRO A 156 8.11 9.59 -23.67
N GLN A 157 8.89 8.65 -23.11
CA GLN A 157 8.32 7.35 -22.69
C GLN A 157 7.84 7.37 -21.23
N THR A 158 8.23 8.35 -20.44
CA THR A 158 7.81 8.43 -19.01
C THR A 158 6.27 8.42 -18.84
N ARG A 159 5.82 7.72 -17.79
CA ARG A 159 4.40 7.66 -17.43
C ARG A 159 4.31 7.75 -15.90
N ILE A 160 3.27 8.42 -15.41
CA ILE A 160 3.01 8.47 -13.97
C ILE A 160 1.59 8.02 -13.64
N GLN A 161 1.44 7.59 -12.40
CA GLN A 161 0.16 7.12 -11.87
CA GLN A 161 0.18 7.08 -11.85
C GLN A 161 0.06 7.63 -10.43
N ALA A 162 -1.02 8.36 -10.16
CA ALA A 162 -1.21 9.01 -8.86
C ALA A 162 -2.72 9.30 -8.71
N GLN A 163 -3.38 8.53 -7.86
CA GLN A 163 -4.83 8.68 -7.62
C GLN A 163 -5.26 10.11 -7.43
N ALA A 164 -6.38 10.50 -8.05
CA ALA A 164 -6.95 11.83 -7.89
C ALA A 164 -8.42 11.80 -8.18
N SER A 165 -9.18 12.54 -7.36
CA SER A 165 -10.63 12.63 -7.56
C SER A 165 -11.08 13.99 -8.06
N GLY A 166 -10.10 14.89 -8.28
CA GLY A 166 -10.39 16.20 -8.80
C GLY A 166 -9.13 17.03 -8.81
N TYR A 167 -9.24 18.23 -9.36
CA TYR A 167 -8.09 19.11 -9.45
C TYR A 167 -8.50 20.57 -9.42
N TRP A 168 -7.54 21.43 -9.14
CA TRP A 168 -7.77 22.89 -9.25
C TRP A 168 -7.25 23.38 -10.58
N LEU A 169 -8.07 24.11 -11.30
CA LEU A 169 -7.66 24.74 -12.50
C LEU A 169 -6.59 25.75 -12.07
N GLU A 170 -5.67 26.05 -12.96
CA GLU A 170 -4.73 27.12 -12.69
C GLU A 170 -5.41 28.45 -13.11
N ARG A 171 -5.23 29.49 -12.29
CA ARG A 171 -5.67 30.79 -12.64
C ARG A 171 -4.48 31.75 -12.75
N GLU A 172 -4.75 33.04 -12.72
CA GLU A 172 -3.70 34.05 -12.78
C GLU A 172 -2.70 33.95 -11.61
N GLN A 173 -1.48 34.50 -11.82
CA GLN A 173 -0.43 34.55 -10.78
C GLN A 173 0.02 33.17 -10.29
N TRP A 174 -0.17 32.15 -11.14
CA TRP A 174 0.23 30.77 -10.82
C TRP A 174 -0.56 30.15 -9.70
N LEU A 175 -1.71 30.73 -9.37
CA LEU A 175 -2.47 30.33 -8.22
C LEU A 175 -3.46 29.21 -8.58
N ALA A 176 -3.72 28.37 -7.62
CA ALA A 176 -4.87 27.45 -7.71
C ALA A 176 -6.20 28.19 -7.83
N GLY A 177 -7.00 27.78 -8.81
CA GLY A 177 -8.32 28.34 -9.08
C GLY A 177 -9.48 27.47 -8.66
N GLU A 178 -10.48 27.34 -9.55
CA GLU A 178 -11.68 26.60 -9.28
C GLU A 178 -11.38 25.13 -9.18
N PHE A 179 -12.01 24.52 -8.21
CA PHE A 179 -11.94 23.08 -8.01
C PHE A 179 -12.91 22.38 -8.93
N CYS A 180 -12.43 21.30 -9.55
CA CYS A 180 -13.19 20.59 -10.56
C CYS A 180 -13.06 19.10 -10.37
N GLU A 181 -14.19 18.38 -10.30
CA GLU A 181 -14.21 16.93 -10.06
C GLU A 181 -14.07 16.06 -11.35
N GLN A 182 -14.22 16.65 -12.54
CA GLN A 182 -13.96 15.96 -13.80
C GLN A 182 -12.51 16.25 -14.28
N LEU A 183 -11.64 15.25 -14.19
CA LEU A 183 -10.26 15.41 -14.64
C LEU A 183 -10.21 15.35 -16.16
N PRO A 184 -9.58 16.34 -16.83
CA PRO A 184 -9.43 16.12 -18.29
C PRO A 184 -8.53 14.92 -18.53
N GLN A 185 -8.69 14.24 -19.67
CA GLN A 185 -7.98 13.00 -19.92
C GLN A 185 -6.47 13.22 -19.76
N GLU A 186 -5.95 14.34 -20.31
CA GLU A 186 -4.50 14.57 -20.32
C GLU A 186 -3.93 14.78 -18.91
N LEU A 187 -4.80 15.14 -17.97
CA LEU A 187 -4.38 15.36 -16.55
C LEU A 187 -4.91 14.28 -15.59
N ASP A 188 -5.29 13.14 -16.12
CA ASP A 188 -5.86 12.06 -15.33
C ASP A 188 -4.83 10.95 -15.17
N PHE A 189 -4.20 10.91 -13.99
CA PHE A 189 -3.13 9.98 -13.68
C PHE A 189 -3.60 8.85 -12.78
N ASN A 190 -4.92 8.63 -12.70
CA ASN A 190 -5.40 7.47 -11.93
C ASN A 190 -4.86 6.13 -12.47
N GLN A 191 -4.77 6.03 -13.79
CA GLN A 191 -4.04 4.92 -14.48
C GLN A 191 -2.77 5.55 -15.10
N PRO A 192 -1.68 4.78 -15.27
CA PRO A 192 -0.46 5.35 -15.82
C PRO A 192 -0.69 6.16 -17.08
N ALA A 193 -0.13 7.36 -17.16
CA ALA A 193 -0.38 8.24 -18.30
C ALA A 193 0.88 9.06 -18.58
N PRO A 194 1.08 9.48 -19.84
CA PRO A 194 2.22 10.39 -20.13
C PRO A 194 2.03 11.77 -19.53
N LEU A 195 3.12 12.50 -19.34
CA LEU A 195 3.01 13.91 -19.02
C LEU A 195 2.64 14.65 -20.29
N PRO A 196 1.72 15.64 -20.19
CA PRO A 196 1.49 16.54 -21.31
C PRO A 196 2.77 17.24 -21.72
N ARG A 197 2.91 17.52 -23.01
CA ARG A 197 4.06 18.28 -23.55
CA ARG A 197 4.07 18.27 -23.52
C ARG A 197 3.67 19.74 -23.71
N GLN A 198 3.35 20.36 -22.60
CA GLN A 198 2.95 21.75 -22.52
C GLN A 198 2.95 22.12 -21.03
N TRP A 199 2.86 23.42 -20.78
CA TRP A 199 2.84 23.95 -19.42
C TRP A 199 1.79 23.22 -18.60
N VAL A 200 2.21 22.69 -17.46
CA VAL A 200 1.29 22.18 -16.45
C VAL A 200 1.66 22.77 -15.09
N ASN A 201 0.71 23.34 -14.37
CA ASN A 201 0.95 23.80 -12.99
C ASN A 201 -0.34 23.65 -12.24
N ASN A 202 -0.58 22.47 -11.71
CA ASN A 202 -1.92 22.13 -11.16
C ASN A 202 -1.79 21.29 -9.95
N GLY A 203 -2.64 21.58 -8.96
CA GLY A 203 -2.78 20.75 -7.79
C GLY A 203 -3.95 19.75 -7.97
N PHE A 204 -3.80 18.59 -7.32
CA PHE A 204 -4.74 17.47 -7.43
C PHE A 204 -5.15 17.06 -6.03
N ALA A 205 -6.43 16.73 -5.87
CA ALA A 205 -6.98 16.31 -4.58
C ALA A 205 -7.41 14.86 -4.65
N GLY A 206 -7.69 14.30 -3.49
CA GLY A 206 -8.17 12.92 -3.44
C GLY A 206 -7.08 11.86 -3.55
N TRP A 207 -5.85 12.25 -3.27
CA TRP A 207 -4.72 11.36 -3.40
C TRP A 207 -4.61 10.49 -2.16
N ASN A 208 -4.00 9.32 -2.35
CA ASN A 208 -3.74 8.36 -1.28
C ASN A 208 -2.27 8.34 -0.82
N GLY A 209 -1.50 9.36 -1.20
CA GLY A 209 -0.14 9.48 -0.84
C GLY A 209 0.83 8.55 -1.54
N GLN A 210 0.39 7.81 -2.57
CA GLN A 210 1.23 6.87 -3.27
C GLN A 210 1.28 7.19 -4.75
N ALA A 211 2.47 7.10 -5.33
CA ALA A 211 2.62 7.37 -6.73
C ALA A 211 3.62 6.40 -7.35
N ARG A 212 3.50 6.24 -8.65
CA ARG A 212 4.44 5.43 -9.40
CA ARG A 212 4.43 5.43 -9.41
C ARG A 212 4.94 6.28 -10.56
N ILE A 213 6.28 6.43 -10.66
CA ILE A 213 6.88 7.14 -11.76
C ILE A 213 7.59 6.07 -12.62
N GLU A 214 7.10 5.81 -13.83
CA GLU A 214 7.70 4.81 -14.68
C GLU A 214 8.65 5.39 -15.69
N GLN A 215 9.84 4.78 -15.78
CA GLN A 215 10.91 5.25 -16.65
C GLN A 215 11.27 4.07 -17.56
N PRO A 216 10.32 3.69 -18.43
CA PRO A 216 10.50 2.42 -19.17
C PRO A 216 11.73 2.37 -20.09
N GLN A 217 12.15 3.54 -20.58
CA GLN A 217 13.32 3.65 -21.47
C GLN A 217 14.61 3.22 -20.79
N GLU A 218 14.62 3.29 -19.44
CA GLU A 218 15.73 2.91 -18.56
CA GLU A 218 15.75 2.86 -18.63
C GLU A 218 15.42 1.60 -17.82
N GLY A 219 14.24 1.04 -18.06
CA GLY A 219 13.79 -0.17 -17.40
C GLY A 219 13.51 -0.16 -15.90
N TYR A 220 13.30 1.01 -15.29
CA TYR A 220 12.89 1.05 -13.85
C TYR A 220 11.65 1.93 -13.61
N ALA A 221 11.13 1.83 -12.39
CA ALA A 221 10.09 2.71 -11.91
C ALA A 221 10.52 3.15 -10.51
N ILE A 222 10.02 4.29 -10.07
CA ILE A 222 10.19 4.79 -8.70
C ILE A 222 8.84 4.77 -8.05
N ILE A 223 8.78 4.18 -6.86
CA ILE A 223 7.56 4.06 -6.06
C ILE A 223 7.69 5.07 -4.95
N MSE A 224 6.76 6.02 -4.98
CA MSE A 224 6.69 7.10 -3.98
CA MSE A 224 6.68 7.07 -4.00
C MSE A 224 5.59 6.75 -2.97
O MSE A 224 4.44 6.45 -3.37
CB MSE A 224 6.38 8.47 -4.63
CB MSE A 224 6.32 8.36 -4.71
CG MSE A 224 6.01 9.59 -3.60
CG MSE A 224 6.51 9.50 -3.83
SE MSE A 224 5.70 11.46 -4.19
SE MSE A 224 5.52 11.10 -4.20
CE MSE A 224 7.21 11.79 -5.29
CE MSE A 224 5.88 11.66 -2.41
N GLU A 225 5.93 6.82 -1.68
CA GLU A 225 5.00 6.58 -0.57
C GLU A 225 5.19 7.66 0.48
N THR A 226 4.10 8.16 1.02
CA THR A 226 4.16 9.17 2.09
C THR A 226 3.48 8.65 3.36
N THR A 227 4.01 9.08 4.51
CA THR A 227 3.42 8.69 5.82
C THR A 227 3.46 9.88 6.77
N PRO A 228 2.29 10.33 7.25
CA PRO A 228 0.92 9.96 6.92
C PRO A 228 0.64 10.19 5.43
N PRO A 229 -0.35 9.49 4.87
CA PRO A 229 -0.61 9.65 3.45
C PRO A 229 -0.93 11.10 3.14
N ALA A 230 -0.21 11.65 2.19
CA ALA A 230 -0.49 13.00 1.71
C ALA A 230 -1.79 13.02 0.91
N PRO A 231 -2.62 14.06 1.08
CA PRO A 231 -3.91 14.17 0.38
C PRO A 231 -3.88 14.89 -0.96
N CYS A 232 -2.79 15.64 -1.24
CA CYS A 232 -2.69 16.45 -2.46
CA CYS A 232 -2.69 16.47 -2.45
C CYS A 232 -1.32 16.33 -3.06
N TYR A 233 -1.25 16.48 -4.38
CA TYR A 233 0.03 16.56 -5.11
C TYR A 233 -0.10 17.65 -6.17
N PHE A 234 1.01 18.32 -6.48
CA PHE A 234 1.09 19.21 -7.64
C PHE A 234 1.92 18.55 -8.74
N ILE A 235 1.58 18.83 -9.98
CA ILE A 235 2.36 18.43 -11.12
C ILE A 235 2.86 19.73 -11.75
N PHE A 236 4.15 19.76 -12.06
CA PHE A 236 4.76 20.80 -12.83
C PHE A 236 5.44 20.25 -14.08
N VAL A 237 5.09 20.81 -15.24
CA VAL A 237 5.78 20.66 -16.51
C VAL A 237 5.99 22.09 -17.00
N SER A 238 7.21 22.42 -17.38
CA SER A 238 7.51 23.77 -17.85
C SER A 238 7.21 23.96 -19.35
N ASP A 239 7.67 25.05 -19.98
CA ASP A 239 7.47 25.28 -21.42
CA ASP A 239 7.52 25.20 -21.42
C ASP A 239 8.62 26.11 -21.95
N PRO A 240 9.08 25.85 -23.18
CA PRO A 240 10.16 26.70 -23.68
C PRO A 240 9.86 28.20 -23.76
N ALA A 241 8.60 28.63 -23.52
CA ALA A 241 8.25 30.07 -23.34
C ALA A 241 8.50 30.73 -21.94
N PHE A 242 8.50 29.95 -20.85
CA PHE A 242 8.81 30.43 -19.48
C PHE A 242 10.27 30.08 -19.13
N ASP A 243 10.89 29.23 -19.95
CA ASP A 243 12.22 28.72 -19.59
C ASP A 243 12.90 28.35 -20.90
N LYS A 244 13.57 29.34 -21.50
CA LYS A 244 14.16 29.17 -22.84
C LYS A 244 15.14 27.98 -22.87
N GLY A 245 15.76 27.65 -21.75
CA GLY A 245 16.59 26.43 -21.69
C GLY A 245 15.83 25.15 -21.32
N TYR A 246 14.56 25.03 -21.75
CA TYR A 246 13.72 23.89 -21.36
C TYR A 246 13.30 23.02 -22.53
N ALA A 247 13.63 21.72 -22.44
CA ALA A 247 13.41 20.79 -23.53
C ALA A 247 12.58 19.60 -23.09
N PHE A 248 11.73 19.80 -22.08
CA PHE A 248 10.87 18.74 -21.54
C PHE A 248 11.75 17.62 -21.00
N ASP A 249 12.80 18.00 -20.27
CA ASP A 249 13.78 17.06 -19.75
C ASP A 249 13.54 16.74 -18.28
N PHE A 250 12.60 17.47 -17.64
CA PHE A 250 12.13 17.15 -16.28
C PHE A 250 10.70 17.56 -16.03
N PHE A 251 10.16 17.01 -14.97
CA PHE A 251 8.83 17.39 -14.45
C PHE A 251 8.89 17.22 -12.96
N CYS A 252 7.91 17.80 -12.25
CA CYS A 252 7.82 17.66 -10.79
C CYS A 252 6.51 17.00 -10.41
N LEU A 253 6.59 16.14 -9.41
CA LEU A 253 5.38 15.58 -8.76
C LEU A 253 5.63 15.87 -7.31
N GLU A 254 4.85 16.79 -6.74
CA GLU A 254 5.15 17.43 -5.43
C GLU A 254 4.16 16.99 -4.35
N PRO A 255 4.57 16.11 -3.44
CA PRO A 255 3.64 15.73 -2.36
C PRO A 255 3.49 16.82 -1.30
N MSE A 256 2.25 17.01 -0.86
CA MSE A 256 1.96 18.01 0.12
C MSE A 256 1.02 17.45 1.14
O MSE A 256 0.08 16.72 0.78
CB MSE A 256 1.28 19.26 -0.51
CG MSE A 256 2.12 19.96 -1.53
SE MSE A 256 0.87 21.12 -2.53
CE MSE A 256 0.04 22.08 -1.21
N SER A 257 1.23 17.85 2.39
CA SER A 257 0.39 17.39 3.48
C SER A 257 -0.96 18.10 3.56
N HIS A 258 -1.17 19.06 2.66
CA HIS A 258 -2.36 19.89 2.66
C HIS A 258 -2.68 20.35 1.27
N ALA A 259 -3.87 20.96 1.10
CA ALA A 259 -4.33 21.49 -0.18
C ALA A 259 -3.83 22.92 -0.34
N PRO A 260 -3.63 23.37 -1.60
CA PRO A 260 -3.32 24.76 -1.80
C PRO A 260 -4.44 25.66 -1.24
N ASP A 261 -4.05 26.74 -0.56
CA ASP A 261 -5.00 27.72 -0.02
C ASP A 261 -5.80 27.16 1.14
N ASP A 262 -5.30 26.09 1.80
CA ASP A 262 -5.98 25.59 2.98
C ASP A 262 -6.01 26.66 4.07
N HIS A 263 -5.10 27.62 4.02
CA HIS A 263 -5.14 28.71 5.01
C HIS A 263 -6.48 29.48 4.99
N HIS A 264 -7.20 29.37 3.87
CA HIS A 264 -8.50 30.03 3.68
CA HIS A 264 -8.50 30.02 3.66
C HIS A 264 -9.72 29.15 3.97
N ARG A 265 -9.51 27.88 4.25
CA ARG A 265 -10.63 26.93 4.45
C ARG A 265 -10.94 26.82 5.96
N PRO A 266 -12.13 26.28 6.32
CA PRO A 266 -12.39 26.19 7.75
C PRO A 266 -11.38 25.34 8.53
N GLU A 267 -11.01 25.88 9.69
CA GLU A 267 -10.04 25.31 10.59
C GLU A 267 -8.75 24.94 9.86
N GLY A 268 -8.43 25.62 8.77
CA GLY A 268 -7.20 25.35 8.08
C GLY A 268 -7.15 24.12 7.19
N GLY A 269 -8.27 23.47 6.90
CA GLY A 269 -8.28 22.32 5.98
C GLY A 269 -7.45 21.16 6.51
N ASP A 270 -6.48 20.68 5.72
CA ASP A 270 -5.62 19.59 6.15
C ASP A 270 -4.34 20.11 6.74
N LEU A 271 -4.18 21.45 6.88
CA LEU A 271 -3.12 22.01 7.74
C LEU A 271 -3.30 21.51 9.17
N ILE A 272 -2.19 21.45 9.90
CA ILE A 272 -2.14 20.93 11.27
C ILE A 272 -1.83 22.04 12.24
N ALA A 273 -2.75 22.29 13.15
CA ALA A 273 -2.60 23.37 14.16
C ALA A 273 -1.58 22.96 15.20
N LEU A 274 -0.51 23.72 15.33
CA LEU A 274 0.56 23.43 16.26
C LEU A 274 0.63 24.53 17.28
N ALA A 275 0.41 24.20 18.56
CA ALA A 275 0.59 25.18 19.63
C ALA A 275 2.09 25.39 19.79
N PRO A 276 2.50 26.51 20.41
CA PRO A 276 3.94 26.63 20.71
C PRO A 276 4.52 25.40 21.42
N GLY A 277 5.66 24.93 20.93
CA GLY A 277 6.29 23.69 21.35
C GLY A 277 5.76 22.39 20.77
N GLU A 278 4.63 22.40 20.06
CA GLU A 278 4.10 21.18 19.39
C GLU A 278 4.76 20.92 18.03
N SER A 279 4.85 19.66 17.62
CA SER A 279 5.52 19.31 16.38
C SER A 279 4.65 18.45 15.49
N THR A 280 4.96 18.42 14.22
CA THR A 280 4.36 17.43 13.34
C THR A 280 5.46 16.91 12.39
N THR A 281 5.27 15.68 11.89
CA THR A 281 6.28 14.97 11.12
CA THR A 281 6.28 15.00 11.08
C THR A 281 5.63 14.36 9.87
N SER A 282 6.33 14.37 8.74
CA SER A 282 5.87 13.63 7.56
C SER A 282 7.07 12.93 6.96
N GLU A 283 6.85 11.87 6.20
CA GLU A 283 7.91 11.12 5.56
C GLU A 283 7.56 10.90 4.10
N MSE A 284 8.57 10.94 3.21
CA MSE A 284 8.38 10.54 1.83
C MSE A 284 9.42 9.46 1.60
O MSE A 284 10.58 9.67 1.97
CB MSE A 284 8.68 11.73 0.92
CG MSE A 284 8.82 11.39 -0.56
SE MSE A 284 9.19 12.85 -1.72
CE MSE A 284 11.00 13.29 -1.24
N SER A 285 9.04 8.35 0.97
CA SER A 285 10.02 7.39 0.53
C SER A 285 9.97 7.23 -0.98
N LEU A 286 11.15 7.04 -1.57
CA LEU A 286 11.26 6.77 -3.00
C LEU A 286 11.98 5.45 -3.16
N ARG A 287 11.30 4.45 -3.72
CA ARG A 287 11.89 3.13 -3.86
C ARG A 287 12.09 2.82 -5.32
N VAL A 288 13.29 2.34 -5.68
CA VAL A 288 13.58 2.00 -7.07
CA VAL A 288 13.53 2.00 -7.07
C VAL A 288 13.26 0.54 -7.28
N GLU A 289 12.54 0.24 -8.35
CA GLU A 289 12.33 -1.15 -8.69
C GLU A 289 12.46 -1.43 -10.18
N TRP A 290 12.88 -2.66 -10.49
CA TRP A 290 13.01 -3.04 -11.87
C TRP A 290 11.54 -3.10 -12.31
N LEU A 291 11.22 -2.55 -13.48
CA LEU A 291 9.82 -2.30 -13.87
C LEU A 291 9.11 -3.63 -14.16
N GLY B 1 -22.30 54.81 -29.19
N GLY B 1 -17.92 56.64 -29.73
CA GLY B 1 -21.02 55.64 -29.19
CA GLY B 1 -19.22 55.93 -29.51
C GLY B 1 -20.83 56.40 -27.88
C GLY B 1 -19.46 56.21 -28.05
N MSE B 2 -19.92 57.41 -27.81
CA MSE B 2 -19.78 58.04 -26.48
C MSE B 2 -20.78 59.20 -26.45
O MSE B 2 -21.13 59.77 -27.49
CB MSE B 2 -18.34 58.56 -26.32
CG MSE B 2 -18.07 59.53 -25.23
SE MSE B 2 -16.23 60.36 -25.17
CE MSE B 2 -15.39 58.81 -25.82
N THR B 3 -21.30 59.48 -25.26
CA THR B 3 -22.21 60.59 -25.06
C THR B 3 -21.73 61.41 -23.88
N ILE B 4 -21.77 62.75 -24.01
CA ILE B 4 -21.45 63.64 -22.89
C ILE B 4 -22.72 64.49 -22.61
N TYR B 5 -23.18 64.41 -21.38
CA TYR B 5 -24.37 65.11 -20.90
CA TYR B 5 -24.37 65.15 -20.94
C TYR B 5 -23.93 66.28 -20.07
N THR B 6 -24.46 67.46 -20.33
CA THR B 6 -24.14 68.65 -19.53
C THR B 6 -25.36 69.06 -18.74
N LEU B 7 -25.15 69.28 -17.44
CA LEU B 7 -26.14 69.88 -16.54
CA LEU B 7 -26.14 69.85 -16.55
C LEU B 7 -25.64 71.21 -16.08
N SER B 8 -26.55 72.11 -15.79
CA SER B 8 -26.13 73.37 -15.25
C SER B 8 -27.26 73.96 -14.39
N HIS B 9 -26.85 74.72 -13.40
CA HIS B 9 -27.76 75.43 -12.53
C HIS B 9 -26.97 76.61 -12.00
N GLY B 10 -27.46 77.81 -12.29
CA GLY B 10 -26.76 79.01 -11.81
C GLY B 10 -25.38 79.06 -12.46
N SER B 11 -24.34 79.18 -11.66
CA SER B 11 -22.99 79.21 -12.21
CA SER B 11 -22.96 79.22 -12.12
C SER B 11 -22.33 77.82 -12.22
N LEU B 12 -23.08 76.80 -11.79
CA LEU B 12 -22.51 75.45 -11.69
C LEU B 12 -22.76 74.69 -12.98
N LYS B 13 -21.74 73.98 -13.42
CA LYS B 13 -21.87 73.14 -14.59
CA LYS B 13 -21.84 73.14 -14.61
C LYS B 13 -21.21 71.79 -14.38
N LEU B 14 -21.84 70.74 -14.92
CA LEU B 14 -21.40 69.36 -14.75
C LEU B 14 -21.49 68.64 -16.08
N ASP B 15 -20.42 67.95 -16.49
CA ASP B 15 -20.41 67.10 -17.71
C ASP B 15 -20.24 65.68 -17.22
N VAL B 16 -21.08 64.79 -17.75
CA VAL B 16 -21.07 63.37 -17.38
C VAL B 16 -21.02 62.55 -18.66
N SER B 17 -20.24 61.45 -18.64
CA SER B 17 -20.15 60.56 -19.77
C SER B 17 -20.82 59.22 -19.51
N ASP B 18 -21.42 58.62 -20.54
CA ASP B 18 -21.93 57.25 -20.45
C ASP B 18 -20.83 56.20 -20.43
N GLN B 19 -19.59 56.61 -20.65
CA GLN B 19 -18.45 55.68 -20.58
C GLN B 19 -18.00 55.60 -19.14
N GLY B 20 -18.43 54.56 -18.45
CA GLY B 20 -18.08 54.41 -17.07
C GLY B 20 -18.96 55.15 -16.12
N GLY B 21 -19.96 55.92 -16.61
CA GLY B 21 -20.76 56.70 -15.67
C GLY B 21 -19.92 57.76 -15.01
N VAL B 22 -18.91 58.26 -15.71
CA VAL B 22 -17.94 59.14 -15.08
C VAL B 22 -18.32 60.61 -15.20
N ILE B 23 -17.99 61.40 -14.18
CA ILE B 23 -18.01 62.83 -14.34
C ILE B 23 -16.78 63.25 -15.16
N GLU B 24 -16.96 64.14 -16.15
CA GLU B 24 -15.87 64.65 -16.98
C GLU B 24 -15.57 66.12 -16.72
N GLY B 25 -16.41 66.78 -15.92
CA GLY B 25 -16.03 68.07 -15.36
C GLY B 25 -17.06 68.62 -14.42
N PHE B 26 -16.60 69.49 -13.52
CA PHE B 26 -17.52 70.08 -12.55
C PHE B 26 -16.90 71.47 -12.34
N TRP B 27 -17.63 72.52 -12.69
CA TRP B 27 -17.10 73.89 -12.68
C TRP B 27 -18.06 74.84 -12.00
N ARG B 28 -17.50 75.90 -11.43
CA ARG B 28 -18.24 77.09 -10.99
C ARG B 28 -17.65 78.21 -11.84
N ASP B 29 -18.46 78.78 -12.71
CA ASP B 29 -17.96 79.62 -13.82
C ASP B 29 -16.86 78.87 -14.53
N THR B 30 -15.65 79.42 -14.62
CA THR B 30 -14.56 78.70 -15.27
C THR B 30 -13.68 77.97 -14.30
N THR B 31 -14.00 78.00 -13.01
CA THR B 31 -13.14 77.37 -12.01
C THR B 31 -13.44 75.89 -11.89
N PRO B 32 -12.44 75.01 -12.10
CA PRO B 32 -12.69 73.59 -11.92
C PRO B 32 -12.77 73.17 -10.46
N LEU B 33 -13.85 72.47 -10.12
CA LEU B 33 -14.09 72.01 -8.77
C LEU B 33 -13.54 70.58 -8.61
N LEU B 34 -13.67 69.82 -9.69
CA LEU B 34 -12.96 68.57 -9.88
C LEU B 34 -11.97 68.77 -11.02
N ARG B 35 -10.97 67.90 -11.08
CA ARG B 35 -10.01 67.89 -12.16
C ARG B 35 -10.78 67.75 -13.48
N PRO B 36 -10.55 68.63 -14.44
CA PRO B 36 -11.26 68.42 -15.74
C PRO B 36 -10.85 67.09 -16.41
N GLY B 37 -11.86 66.39 -16.89
CA GLY B 37 -11.66 65.13 -17.60
C GLY B 37 -11.17 65.27 -19.00
N LYS B 38 -10.48 64.23 -19.47
CA LYS B 38 -10.01 64.21 -20.85
C LYS B 38 -11.07 63.79 -21.88
N LYS B 39 -12.23 63.32 -21.40
CA LYS B 39 -13.27 62.85 -22.31
C LYS B 39 -12.71 61.80 -23.29
N SER B 40 -11.84 60.93 -22.76
CA SER B 40 -11.10 59.95 -23.53
C SER B 40 -11.80 58.60 -23.53
N GLY B 41 -12.80 58.40 -22.67
CA GLY B 41 -13.39 57.08 -22.52
C GLY B 41 -12.64 56.19 -21.53
N VAL B 42 -11.57 56.72 -20.92
CA VAL B 42 -10.78 55.99 -19.90
C VAL B 42 -11.07 56.64 -18.55
N ALA B 43 -11.60 55.86 -17.61
CA ALA B 43 -12.09 56.40 -16.33
C ALA B 43 -11.04 57.08 -15.50
N THR B 44 -9.81 56.60 -15.62
CA THR B 44 -8.73 57.18 -14.83
C THR B 44 -8.27 58.53 -15.38
N ASP B 45 -8.79 58.95 -16.55
CA ASP B 45 -8.55 60.29 -17.09
C ASP B 45 -9.72 61.25 -16.84
N ALA B 46 -10.74 60.78 -16.15
CA ALA B 46 -11.96 61.55 -15.92
C ALA B 46 -11.87 62.37 -14.61
N SER B 47 -13.00 62.98 -14.21
CA SER B 47 -13.09 63.77 -12.99
C SER B 47 -13.52 62.98 -11.76
N CYS B 48 -14.29 61.88 -11.96
CA CYS B 48 -14.80 61.04 -10.87
C CYS B 48 -15.38 59.80 -11.51
N PHE B 49 -15.25 58.64 -10.86
CA PHE B 49 -15.91 57.44 -11.37
C PHE B 49 -16.58 56.69 -10.21
N PRO B 50 -17.66 55.97 -10.51
CA PRO B 50 -18.36 55.25 -9.48
C PRO B 50 -17.69 53.90 -9.13
N LEU B 51 -17.93 53.45 -7.88
CA LEU B 51 -17.40 52.19 -7.39
C LEU B 51 -18.58 51.28 -7.09
N VAL B 52 -18.73 50.24 -7.91
CA VAL B 52 -19.83 49.29 -7.76
C VAL B 52 -19.45 48.01 -8.55
N PRO B 53 -19.64 46.80 -7.95
CA PRO B 53 -20.40 46.46 -6.71
C PRO B 53 -19.60 46.44 -5.40
N PHE B 54 -18.38 46.93 -5.45
CA PHE B 54 -17.58 47.30 -4.26
C PHE B 54 -16.40 48.17 -4.70
N ALA B 55 -15.70 48.72 -3.72
CA ALA B 55 -14.56 49.58 -3.91
C ALA B 55 -13.19 48.88 -3.67
N ASN B 56 -12.20 49.34 -4.39
CA ASN B 56 -10.80 48.91 -4.20
C ASN B 56 -10.62 47.43 -4.58
N ARG B 57 -9.75 46.72 -3.86
CA ARG B 57 -9.31 45.40 -4.20
C ARG B 57 -9.64 44.40 -3.09
N VAL B 58 -9.75 43.15 -3.48
CA VAL B 58 -9.90 42.01 -2.57
C VAL B 58 -8.63 41.18 -2.69
N SER B 59 -7.81 41.23 -1.65
CA SER B 59 -6.48 40.60 -1.70
CA SER B 59 -6.49 40.61 -1.69
C SER B 59 -6.60 39.14 -2.09
N GLY B 60 -5.81 38.75 -3.08
CA GLY B 60 -5.89 37.38 -3.59
C GLY B 60 -6.91 37.11 -4.69
N ASN B 61 -7.76 38.09 -5.00
CA ASN B 61 -8.80 37.97 -6.01
C ASN B 61 -9.75 36.78 -5.68
N ARG B 62 -10.02 36.59 -4.41
CA ARG B 62 -10.94 35.56 -3.98
C ARG B 62 -11.49 35.89 -2.60
N PHE B 63 -12.62 35.29 -2.30
CA PHE B 63 -13.20 35.45 -0.97
C PHE B 63 -14.21 34.33 -0.76
N VAL B 64 -14.55 34.09 0.50
CA VAL B 64 -15.59 33.11 0.84
C VAL B 64 -16.84 33.92 1.28
N TRP B 65 -18.00 33.49 0.81
CA TRP B 65 -19.28 34.05 1.29
C TRP B 65 -20.27 32.91 1.43
N GLN B 66 -20.81 32.76 2.63
CA GLN B 66 -21.80 31.72 2.96
C GLN B 66 -21.35 30.33 2.50
N GLY B 67 -20.10 29.99 2.86
CA GLY B 67 -19.53 28.68 2.60
C GLY B 67 -19.09 28.41 1.17
N ARG B 68 -19.05 29.43 0.33
CA ARG B 68 -18.70 29.22 -1.08
C ARG B 68 -17.54 30.11 -1.46
N GLU B 69 -16.57 29.52 -2.17
CA GLU B 69 -15.40 30.24 -2.65
C GLU B 69 -15.70 30.92 -3.98
N TYR B 70 -15.50 32.22 -4.04
CA TYR B 70 -15.68 32.99 -5.25
C TYR B 70 -14.33 33.54 -5.69
N GLN B 71 -14.11 33.56 -6.99
CA GLN B 71 -12.85 34.07 -7.52
C GLN B 71 -13.05 35.11 -8.59
N LEU B 72 -12.23 36.16 -8.52
CA LEU B 72 -12.30 37.32 -9.40
C LEU B 72 -11.12 37.34 -10.39
N GLN B 73 -11.40 37.76 -11.60
CA GLN B 73 -10.30 37.92 -12.57
C GLN B 73 -9.91 39.40 -12.67
N PRO B 74 -8.62 39.68 -12.97
CA PRO B 74 -8.29 41.08 -13.18
C PRO B 74 -9.13 41.75 -14.28
N ASN B 75 -9.46 43.01 -14.02
CA ASN B 75 -10.31 43.79 -14.96
C ASN B 75 -9.60 44.93 -15.68
N VAL B 76 -8.40 45.29 -15.22
CA VAL B 76 -7.57 46.28 -15.93
C VAL B 76 -6.21 45.67 -16.17
N GLU B 77 -5.57 46.08 -17.25
CA GLU B 77 -4.27 45.50 -17.63
C GLU B 77 -3.11 45.86 -16.66
N TRP B 78 -3.23 46.97 -15.98
CA TRP B 78 -2.16 47.52 -15.17
C TRP B 78 -2.20 47.07 -13.71
N ASP B 79 -3.17 46.23 -13.31
CA ASP B 79 -3.29 45.80 -11.90
C ASP B 79 -3.56 44.31 -11.89
N ALA B 80 -2.80 43.56 -11.09
CA ALA B 80 -3.08 42.13 -10.95
C ALA B 80 -4.38 41.85 -10.22
N HIS B 81 -4.84 42.81 -9.42
CA HIS B 81 -6.09 42.69 -8.71
C HIS B 81 -7.25 43.28 -9.50
N TYR B 82 -8.37 42.58 -9.44
CA TYR B 82 -9.63 43.14 -9.86
C TYR B 82 -9.86 44.38 -9.01
N LEU B 83 -10.25 45.47 -9.64
CA LEU B 83 -10.25 46.74 -8.94
C LEU B 83 -11.55 47.54 -9.18
N HIS B 84 -12.15 48.06 -8.10
CA HIS B 84 -13.18 49.11 -8.22
C HIS B 84 -14.48 48.63 -8.87
N GLY B 85 -14.72 47.33 -8.90
CA GLY B 85 -15.89 46.80 -9.55
C GLY B 85 -15.89 46.94 -11.06
N ASP B 86 -17.11 46.94 -11.62
CA ASP B 86 -17.29 46.96 -13.09
C ASP B 86 -17.87 48.25 -13.62
N GLY B 87 -18.59 49.00 -12.81
CA GLY B 87 -19.33 50.16 -13.32
C GLY B 87 -18.45 51.14 -14.08
N TRP B 88 -17.27 51.41 -13.53
CA TRP B 88 -16.33 52.36 -14.08
C TRP B 88 -15.77 51.97 -15.46
N LEU B 89 -15.89 50.69 -15.82
CA LEU B 89 -15.40 50.14 -17.13
C LEU B 89 -16.53 49.90 -18.10
N GLY B 90 -17.76 50.04 -17.66
CA GLY B 90 -18.90 49.67 -18.51
C GLY B 90 -19.51 50.87 -19.24
N GLU B 91 -20.35 50.56 -20.21
CA GLU B 91 -21.11 51.58 -20.93
CA GLU B 91 -21.10 51.60 -20.90
C GLU B 91 -22.52 51.68 -20.31
N TRP B 92 -22.89 52.88 -19.89
CA TRP B 92 -24.19 53.12 -19.25
C TRP B 92 -25.19 53.71 -20.20
N GLN B 93 -26.50 53.57 -19.85
CA GLN B 93 -27.58 54.06 -20.64
C GLN B 93 -28.28 55.19 -19.91
N CYS B 94 -28.63 56.23 -20.64
CA CYS B 94 -29.36 57.36 -20.09
C CYS B 94 -30.84 57.06 -20.05
N VAL B 95 -31.44 57.11 -18.85
CA VAL B 95 -32.89 56.91 -18.71
C VAL B 95 -33.63 58.21 -18.41
N SER B 96 -32.92 59.27 -18.04
CA SER B 96 -33.53 60.59 -17.76
C SER B 96 -32.52 61.70 -17.84
N HIS B 97 -32.87 62.88 -18.39
CA HIS B 97 -31.95 64.04 -18.46
C HIS B 97 -32.81 65.26 -18.51
N SER B 98 -32.57 66.17 -17.59
CA SER B 98 -33.17 67.46 -17.69
C SER B 98 -32.04 68.52 -17.53
N ASP B 99 -32.41 69.79 -17.48
CA ASP B 99 -31.38 70.81 -17.39
C ASP B 99 -30.45 70.66 -16.18
N ASP B 100 -30.97 70.10 -15.09
CA ASP B 100 -30.23 70.03 -13.84
C ASP B 100 -30.19 68.65 -13.23
N SER B 101 -30.51 67.64 -14.00
CA SER B 101 -30.53 66.29 -13.51
C SER B 101 -30.26 65.27 -14.59
N LEU B 102 -29.73 64.13 -14.18
CA LEU B 102 -29.37 63.04 -15.05
C LEU B 102 -29.45 61.70 -14.36
N CYS B 103 -29.89 60.66 -15.06
CA CYS B 103 -29.83 59.31 -14.52
C CYS B 103 -29.34 58.34 -15.59
N LEU B 104 -28.28 57.63 -15.23
CA LEU B 104 -27.66 56.60 -16.03
C LEU B 104 -27.88 55.25 -15.31
N VAL B 105 -28.00 54.22 -16.11
CA VAL B 105 -28.13 52.85 -15.61
CA VAL B 105 -28.10 52.86 -15.58
C VAL B 105 -27.12 51.93 -16.27
N TYR B 106 -26.65 50.95 -15.54
CA TYR B 106 -25.71 49.92 -16.02
C TYR B 106 -26.17 48.57 -15.49
N GLU B 107 -26.23 47.58 -16.37
CA GLU B 107 -26.56 46.19 -15.98
C GLU B 107 -25.35 45.29 -16.28
N HIS B 108 -24.99 44.45 -15.32
CA HIS B 108 -23.83 43.59 -15.43
C HIS B 108 -24.29 42.14 -15.26
N ARG B 109 -23.86 41.25 -16.16
CA ARG B 109 -24.26 39.84 -16.11
C ARG B 109 -23.13 38.91 -16.51
N SER B 110 -21.95 39.23 -16.01
CA SER B 110 -20.79 38.38 -16.12
C SER B 110 -20.04 38.44 -14.82
N GLY B 111 -19.08 37.53 -14.69
CA GLY B 111 -18.31 37.45 -13.48
C GLY B 111 -19.08 36.99 -12.25
N VAL B 112 -18.65 37.49 -11.11
CA VAL B 112 -19.10 36.97 -9.83
C VAL B 112 -20.42 37.62 -9.44
N TYR B 113 -20.51 38.94 -9.63
CA TYR B 113 -21.71 39.68 -9.22
C TYR B 113 -22.54 40.04 -10.46
N HIS B 114 -23.84 39.73 -10.47
CA HIS B 114 -24.77 40.21 -11.46
C HIS B 114 -25.69 41.21 -10.75
N TYR B 115 -25.91 42.36 -11.37
CA TYR B 115 -26.64 43.46 -10.72
C TYR B 115 -27.06 44.50 -11.74
N ARG B 116 -27.95 45.40 -11.29
CA ARG B 116 -28.30 46.61 -12.04
C ARG B 116 -27.91 47.74 -11.09
N VAL B 117 -27.34 48.81 -11.64
CA VAL B 117 -27.00 50.00 -10.84
C VAL B 117 -27.48 51.27 -11.56
N SER B 118 -28.09 52.17 -10.82
CA SER B 118 -28.42 53.51 -11.32
CA SER B 118 -28.43 53.51 -11.31
C SER B 118 -27.54 54.53 -10.63
N GLN B 119 -27.14 55.54 -11.37
CA GLN B 119 -26.39 56.66 -10.86
C GLN B 119 -27.15 57.92 -11.25
N ALA B 120 -27.72 58.60 -10.26
CA ALA B 120 -28.50 59.81 -10.49
C ALA B 120 -27.70 61.03 -10.06
N PHE B 121 -27.72 62.09 -10.84
CA PHE B 121 -26.98 63.34 -10.62
C PHE B 121 -27.98 64.48 -10.56
N HIS B 122 -27.77 65.40 -9.62
CA HIS B 122 -28.66 66.55 -9.53
C HIS B 122 -27.87 67.76 -9.09
N LEU B 123 -28.10 68.91 -9.75
CA LEU B 123 -27.44 70.15 -9.40
C LEU B 123 -28.42 71.17 -8.91
N THR B 124 -28.09 71.81 -7.79
CA THR B 124 -28.77 73.02 -7.33
C THR B 124 -27.78 74.17 -7.57
N ALA B 125 -28.07 75.36 -7.06
CA ALA B 125 -27.16 76.49 -7.22
C ALA B 125 -25.80 76.30 -6.55
N ASP B 126 -25.73 75.49 -5.50
CA ASP B 126 -24.45 75.27 -4.82
C ASP B 126 -24.06 73.83 -4.57
N THR B 127 -24.91 72.86 -4.95
CA THR B 127 -24.64 71.47 -4.56
CA THR B 127 -24.66 71.46 -4.55
C THR B 127 -24.84 70.49 -5.70
N LEU B 128 -23.89 69.58 -5.80
CA LEU B 128 -24.03 68.39 -6.67
C LEU B 128 -24.38 67.23 -5.73
N THR B 129 -25.43 66.49 -6.04
CA THR B 129 -25.81 65.28 -5.32
C THR B 129 -25.75 64.10 -6.29
N VAL B 130 -25.00 63.06 -5.95
CA VAL B 130 -24.92 61.85 -6.74
C VAL B 130 -25.39 60.67 -5.92
N THR B 131 -26.23 59.83 -6.53
CA THR B 131 -26.81 58.70 -5.80
CA THR B 131 -26.83 58.69 -5.80
C THR B 131 -26.57 57.41 -6.59
N LEU B 132 -26.07 56.38 -5.90
CA LEU B 132 -25.91 55.06 -6.50
C LEU B 132 -26.90 54.09 -5.86
N SER B 133 -27.63 53.36 -6.67
CA SER B 133 -28.59 52.37 -6.22
CA SER B 133 -28.58 52.38 -6.22
C SER B 133 -28.32 51.08 -6.95
N VAL B 134 -27.99 50.04 -6.20
CA VAL B 134 -27.62 48.76 -6.80
C VAL B 134 -28.57 47.63 -6.31
N THR B 135 -29.00 46.79 -7.24
CA THR B 135 -29.89 45.66 -6.99
C THR B 135 -29.19 44.40 -7.40
N ASN B 136 -29.15 43.40 -6.53
CA ASN B 136 -28.62 42.10 -6.87
C ASN B 136 -29.53 41.34 -7.85
N GLN B 137 -28.99 40.97 -9.02
CA GLN B 137 -29.73 40.22 -10.03
C GLN B 137 -29.16 38.82 -10.24
N GLY B 138 -28.30 38.39 -9.31
CA GLY B 138 -27.69 37.06 -9.38
C GLY B 138 -28.56 36.02 -8.68
N ALA B 139 -28.06 34.77 -8.63
CA ALA B 139 -28.79 33.63 -8.10
C ALA B 139 -28.64 33.47 -6.57
N GLU B 140 -27.60 34.10 -6.02
CA GLU B 140 -27.25 33.99 -4.60
C GLU B 140 -27.01 35.36 -3.93
N THR B 141 -27.24 35.39 -2.63
CA THR B 141 -26.89 36.55 -1.82
C THR B 141 -25.36 36.82 -1.89
N LEU B 142 -24.97 38.08 -2.06
CA LEU B 142 -23.56 38.45 -2.01
C LEU B 142 -23.42 39.76 -1.27
N PRO B 143 -22.19 40.13 -0.83
CA PRO B 143 -21.94 41.35 -0.09
C PRO B 143 -21.55 42.51 -1.01
N PHE B 144 -22.33 43.59 -0.96
CA PHE B 144 -22.16 44.70 -1.88
C PHE B 144 -21.66 45.98 -1.15
N GLY B 145 -20.98 46.81 -1.92
CA GLY B 145 -20.59 48.13 -1.48
C GLY B 145 -20.66 49.15 -2.60
N THR B 146 -20.56 50.41 -2.26
CA THR B 146 -20.56 51.49 -3.23
C THR B 146 -19.63 52.60 -2.78
N GLY B 147 -19.28 53.48 -3.71
CA GLY B 147 -18.46 54.61 -3.40
C GLY B 147 -18.15 55.35 -4.68
N TRP B 148 -17.32 56.37 -4.57
CA TRP B 148 -16.90 57.20 -5.69
C TRP B 148 -15.42 57.48 -5.59
N HIS B 149 -14.81 57.82 -6.72
CA HIS B 149 -13.42 58.11 -6.81
C HIS B 149 -13.18 59.46 -7.50
N PRO B 150 -13.49 60.56 -6.77
CA PRO B 150 -13.29 61.88 -7.33
C PRO B 150 -11.85 62.30 -7.36
N TYR B 151 -11.49 62.99 -8.44
CA TYR B 151 -10.20 63.64 -8.59
C TYR B 151 -10.38 65.15 -8.36
N PHE B 152 -9.77 65.66 -7.31
CA PHE B 152 -9.84 67.08 -6.94
C PHE B 152 -8.56 67.78 -7.40
N PRO B 153 -8.65 69.05 -7.80
CA PRO B 153 -7.44 69.82 -8.07
C PRO B 153 -6.58 69.91 -6.82
N LEU B 154 -5.26 69.82 -7.00
CA LEU B 154 -4.31 69.94 -5.89
C LEU B 154 -3.33 71.10 -6.16
N SER B 155 -3.14 71.88 -5.11
CA SER B 155 -2.16 72.95 -5.11
CA SER B 155 -2.17 72.97 -5.11
C SER B 155 -1.52 72.89 -3.73
N PRO B 156 -0.37 73.53 -3.55
CA PRO B 156 0.21 73.54 -2.21
C PRO B 156 -0.69 74.15 -1.11
N GLN B 157 -1.67 74.96 -1.56
CA GLN B 157 -2.61 75.63 -0.70
C GLN B 157 -3.77 74.77 -0.25
N THR B 158 -4.03 73.69 -0.98
CA THR B 158 -5.16 72.84 -0.64
C THR B 158 -5.05 72.25 0.78
N ARG B 159 -6.17 72.25 1.50
CA ARG B 159 -6.28 71.60 2.82
CA ARG B 159 -6.25 71.51 2.76
C ARG B 159 -7.50 70.67 2.85
N ILE B 160 -7.35 69.50 3.44
CA ILE B 160 -8.48 68.61 3.63
C ILE B 160 -8.73 68.27 5.13
N GLN B 161 -10.00 68.05 5.46
CA GLN B 161 -10.40 67.63 6.81
C GLN B 161 -11.39 66.50 6.63
N ALA B 162 -11.08 65.40 7.31
CA ALA B 162 -11.88 64.18 7.28
C ALA B 162 -11.49 63.33 8.49
N GLN B 163 -12.43 63.21 9.40
CA GLN B 163 -12.30 62.48 10.65
C GLN B 163 -11.74 61.07 10.39
N ALA B 164 -10.71 60.67 11.14
CA ALA B 164 -10.16 59.32 11.08
C ALA B 164 -9.68 58.87 12.45
N SER B 165 -9.96 57.61 12.79
CA SER B 165 -9.44 56.97 14.01
C SER B 165 -8.22 56.06 13.79
N GLY B 166 -7.85 55.83 12.54
CA GLY B 166 -6.67 55.02 12.23
C GLY B 166 -6.61 54.81 10.72
N TYR B 167 -5.64 54.03 10.28
CA TYR B 167 -5.51 53.83 8.83
C TYR B 167 -4.82 52.50 8.58
N TRP B 168 -4.88 52.05 7.35
CA TRP B 168 -4.14 50.87 6.93
C TRP B 168 -2.88 51.29 6.17
N LEU B 169 -1.76 50.69 6.56
CA LEU B 169 -0.47 50.87 5.90
C LEU B 169 -0.60 50.27 4.51
N GLU B 170 0.12 50.82 3.53
CA GLU B 170 0.18 50.26 2.19
C GLU B 170 1.24 49.16 2.20
N ARG B 171 0.89 48.00 1.66
CA ARG B 171 1.86 46.91 1.47
C ARG B 171 2.11 46.69 0.00
N GLU B 172 2.58 45.50 -0.38
CA GLU B 172 2.89 45.23 -1.74
C GLU B 172 1.60 45.13 -2.60
N GLN B 173 1.79 45.27 -3.91
CA GLN B 173 0.73 45.19 -4.93
C GLN B 173 -0.38 46.26 -4.74
N TRP B 174 -0.02 47.36 -4.06
CA TRP B 174 -0.97 48.45 -3.78
C TRP B 174 -2.11 48.08 -2.84
N LEU B 175 -1.96 46.99 -2.11
CA LEU B 175 -2.95 46.52 -1.17
C LEU B 175 -2.82 47.21 0.21
N ALA B 176 -3.96 47.29 0.88
CA ALA B 176 -4.02 47.67 2.28
C ALA B 176 -3.32 46.61 3.10
N GLY B 177 -2.53 47.05 4.08
CA GLY B 177 -1.79 46.18 4.95
C GLY B 177 -2.29 46.22 6.37
N GLU B 178 -1.36 46.35 7.31
CA GLU B 178 -1.67 46.35 8.74
CA GLU B 178 -1.73 46.33 8.71
C GLU B 178 -2.42 47.64 9.12
N PHE B 179 -3.40 47.49 10.00
CA PHE B 179 -4.11 48.63 10.59
C PHE B 179 -3.31 49.24 11.77
N CYS B 180 -3.30 50.58 11.80
CA CYS B 180 -2.57 51.33 12.75
C CYS B 180 -3.50 52.41 13.31
N GLU B 181 -3.63 52.45 14.62
CA GLU B 181 -4.47 53.45 15.28
C GLU B 181 -3.73 54.75 15.54
N GLN B 182 -2.41 54.80 15.29
CA GLN B 182 -1.69 56.08 15.40
C GLN B 182 -1.48 56.66 14.01
N LEU B 183 -2.19 57.74 13.71
CA LEU B 183 -2.05 58.40 12.42
C LEU B 183 -0.73 59.17 12.43
N PRO B 184 0.14 59.00 11.41
CA PRO B 184 1.34 59.84 11.33
C PRO B 184 0.88 61.25 11.09
N GLN B 185 1.63 62.25 11.50
CA GLN B 185 1.14 63.63 11.42
C GLN B 185 0.80 64.04 10.01
N GLU B 186 1.62 63.63 9.03
CA GLU B 186 1.39 63.99 7.63
C GLU B 186 0.10 63.39 7.05
N LEU B 187 -0.45 62.36 7.69
CA LEU B 187 -1.67 61.68 7.20
C LEU B 187 -2.85 61.86 8.19
N ASP B 188 -2.74 62.85 9.08
CA ASP B 188 -3.81 63.09 10.06
C ASP B 188 -4.67 64.25 9.57
N PHE B 189 -5.86 63.94 9.10
CA PHE B 189 -6.77 64.98 8.57
C PHE B 189 -7.95 65.29 9.50
N ASN B 190 -7.85 64.94 10.77
CA ASN B 190 -8.90 65.30 11.74
C ASN B 190 -9.13 66.80 11.85
N GLN B 191 -8.04 67.57 11.81
CA GLN B 191 -8.12 69.02 11.63
C GLN B 191 -7.59 69.31 10.21
N PRO B 192 -7.96 70.47 9.60
CA PRO B 192 -7.53 70.67 8.22
C PRO B 192 -6.02 70.63 8.12
N ALA B 193 -5.55 70.02 7.03
CA ALA B 193 -4.14 69.76 6.82
C ALA B 193 -3.85 69.62 5.31
N PRO B 194 -2.61 69.93 4.91
CA PRO B 194 -2.25 69.77 3.49
C PRO B 194 -2.07 68.33 3.06
N LEU B 195 -2.14 68.07 1.76
CA LEU B 195 -1.74 66.74 1.30
C LEU B 195 -0.21 66.60 1.32
N PRO B 196 0.28 65.41 1.71
CA PRO B 196 1.71 65.15 1.52
C PRO B 196 2.19 65.29 0.06
N ARG B 197 3.45 65.76 -0.12
CA ARG B 197 4.02 65.91 -1.46
CA ARG B 197 4.06 65.94 -1.44
C ARG B 197 4.88 64.70 -1.82
N GLN B 198 4.20 63.55 -1.83
CA GLN B 198 4.79 62.25 -2.12
CA GLN B 198 4.79 62.26 -2.10
C GLN B 198 3.63 61.29 -2.39
N TRP B 199 3.95 60.10 -2.88
CA TRP B 199 2.93 59.06 -3.11
C TRP B 199 2.14 58.76 -1.81
N VAL B 200 0.82 58.73 -1.92
CA VAL B 200 -0.07 58.30 -0.86
C VAL B 200 -1.12 57.38 -1.48
N ASN B 201 -1.30 56.19 -0.89
CA ASN B 201 -2.30 55.26 -1.33
C ASN B 201 -2.74 54.49 -0.11
N ASN B 202 -3.62 55.12 0.66
CA ASN B 202 -4.00 54.62 1.98
C ASN B 202 -5.48 54.81 2.27
N GLY B 203 -6.05 53.82 2.96
CA GLY B 203 -7.40 53.85 3.47
C GLY B 203 -7.39 54.25 4.93
N PHE B 204 -8.49 54.92 5.31
CA PHE B 204 -8.67 55.45 6.66
C PHE B 204 -9.98 54.98 7.24
N ALA B 205 -9.97 54.68 8.55
CA ALA B 205 -11.14 54.21 9.24
C ALA B 205 -11.67 55.24 10.22
N GLY B 206 -12.87 55.00 10.74
CA GLY B 206 -13.43 55.85 11.82
C GLY B 206 -14.00 57.16 11.29
N TRP B 207 -14.33 57.18 9.99
CA TRP B 207 -14.88 58.38 9.38
C TRP B 207 -16.35 58.59 9.72
N ASN B 208 -16.77 59.86 9.73
CA ASN B 208 -18.17 60.21 9.91
C ASN B 208 -18.89 60.52 8.59
N GLY B 209 -18.25 60.26 7.46
CA GLY B 209 -18.92 60.39 6.16
C GLY B 209 -18.97 61.84 5.67
N GLN B 210 -18.22 62.73 6.33
CA GLN B 210 -18.18 64.16 6.01
C GLN B 210 -16.75 64.61 5.85
N ALA B 211 -16.49 65.42 4.80
CA ALA B 211 -15.18 66.03 4.53
C ALA B 211 -15.29 67.45 4.10
N ARG B 212 -14.19 68.18 4.26
CA ARG B 212 -14.11 69.57 3.85
C ARG B 212 -12.82 69.63 3.05
N ILE B 213 -12.89 70.14 1.83
CA ILE B 213 -11.73 70.37 0.97
C ILE B 213 -11.68 71.86 0.70
N GLU B 214 -10.68 72.50 1.29
CA GLU B 214 -10.45 73.96 1.18
C GLU B 214 -9.46 74.29 0.06
N GLN B 215 -9.86 75.24 -0.82
CA GLN B 215 -9.04 75.71 -1.94
C GLN B 215 -8.94 77.23 -1.75
N PRO B 216 -8.18 77.67 -0.72
CA PRO B 216 -8.23 79.10 -0.41
C PRO B 216 -7.64 80.02 -1.46
N GLN B 217 -6.76 79.52 -2.30
CA GLN B 217 -6.23 80.38 -3.35
C GLN B 217 -7.40 80.85 -4.25
N GLU B 218 -8.33 79.96 -4.55
CA GLU B 218 -9.53 80.31 -5.32
C GLU B 218 -10.70 80.87 -4.47
N GLY B 219 -10.66 80.68 -3.16
CA GLY B 219 -11.64 81.27 -2.23
C GLY B 219 -12.86 80.42 -1.91
N TYR B 220 -12.76 79.10 -2.12
CA TYR B 220 -13.91 78.25 -1.86
C TYR B 220 -13.53 76.99 -1.11
N ALA B 221 -14.56 76.34 -0.61
CA ALA B 221 -14.44 74.99 -0.07
C ALA B 221 -15.56 74.13 -0.59
N ILE B 222 -15.23 72.86 -0.71
CA ILE B 222 -16.17 71.79 -1.09
CA ILE B 222 -16.18 71.81 -1.09
C ILE B 222 -16.49 71.04 0.20
N ILE B 223 -17.76 70.95 0.53
CA ILE B 223 -18.24 70.17 1.69
C ILE B 223 -18.81 68.89 1.11
N MSE B 224 -18.18 67.77 1.48
CA MSE B 224 -18.62 66.43 1.14
C MSE B 224 -19.46 65.78 2.25
O MSE B 224 -19.03 65.78 3.38
CB MSE B 224 -17.41 65.56 0.82
CG MSE B 224 -17.79 64.16 0.36
SE MSE B 224 -16.28 62.91 0.14
CE MSE B 224 -15.50 63.48 -1.45
N GLU B 225 -20.64 65.28 1.92
CA GLU B 225 -21.46 64.53 2.90
C GLU B 225 -21.95 63.28 2.18
N THR B 226 -21.99 62.21 2.95
CA THR B 226 -22.49 60.93 2.48
C THR B 226 -23.69 60.48 3.32
N THR B 227 -24.67 59.85 2.66
CA THR B 227 -25.86 59.29 3.36
C THR B 227 -26.14 57.95 2.72
N PRO B 228 -26.15 56.88 3.51
CA PRO B 228 -25.77 56.85 4.95
C PRO B 228 -24.29 57.27 5.06
N PRO B 229 -23.84 57.64 6.26
CA PRO B 229 -22.48 58.15 6.40
C PRO B 229 -21.44 57.04 6.18
N ALA B 230 -20.58 57.25 5.21
CA ALA B 230 -19.55 56.29 4.77
C ALA B 230 -18.54 56.12 5.89
N PRO B 231 -18.15 54.87 6.17
CA PRO B 231 -17.24 54.62 7.28
C PRO B 231 -15.74 54.75 6.99
N CYS B 232 -15.37 54.84 5.71
CA CYS B 232 -13.96 54.83 5.29
CA CYS B 232 -13.96 54.79 5.27
C CYS B 232 -13.77 55.70 4.07
N TYR B 233 -12.55 56.27 3.95
CA TYR B 233 -12.11 56.99 2.76
C TYR B 233 -10.69 56.59 2.42
N PHE B 234 -10.36 56.64 1.12
CA PHE B 234 -9.00 56.48 0.65
C PHE B 234 -8.51 57.82 0.19
N ILE B 235 -7.22 58.02 0.36
CA ILE B 235 -6.52 59.13 -0.16
C ILE B 235 -5.53 58.65 -1.18
N PHE B 236 -5.52 59.30 -2.34
CA PHE B 236 -4.55 59.05 -3.37
C PHE B 236 -3.83 60.32 -3.75
N VAL B 237 -2.50 60.27 -3.68
CA VAL B 237 -1.64 61.30 -4.23
C VAL B 237 -0.63 60.50 -5.00
N SER B 238 -0.39 60.89 -6.24
CA SER B 238 0.49 60.12 -7.12
C SER B 238 1.95 60.56 -6.94
N ASP B 239 2.81 60.19 -7.90
CA ASP B 239 4.25 60.52 -7.82
C ASP B 239 4.82 60.49 -9.26
N PRO B 240 5.67 61.48 -9.61
CA PRO B 240 6.18 61.53 -10.98
C PRO B 240 7.09 60.36 -11.39
N ALA B 241 7.07 59.24 -10.65
CA ALA B 241 7.81 58.01 -11.00
C ALA B 241 6.87 56.96 -11.60
N PHE B 242 5.60 56.97 -11.21
CA PHE B 242 4.62 55.99 -11.70
C PHE B 242 3.80 56.61 -12.84
N ASP B 243 3.88 57.94 -12.93
CA ASP B 243 3.19 58.69 -14.00
C ASP B 243 4.06 59.89 -14.36
N LYS B 244 4.98 59.71 -15.31
CA LYS B 244 5.95 60.74 -15.71
C LYS B 244 5.35 62.15 -15.86
N GLY B 245 4.09 62.23 -16.30
CA GLY B 245 3.39 63.52 -16.36
C GLY B 245 3.26 64.21 -15.00
N TYR B 246 2.53 63.55 -14.10
CA TYR B 246 2.11 64.08 -12.77
C TYR B 246 3.00 65.17 -12.11
N ALA B 247 2.41 66.33 -11.76
CA ALA B 247 3.10 67.39 -11.02
C ALA B 247 2.29 67.81 -9.77
N PHE B 248 1.71 66.83 -9.08
CA PHE B 248 0.97 67.08 -7.83
C PHE B 248 -0.18 68.04 -8.10
N ASP B 249 -0.86 67.79 -9.20
CA ASP B 249 -1.90 68.68 -9.66
C ASP B 249 -3.30 68.12 -9.46
N PHE B 250 -3.38 66.88 -8.97
CA PHE B 250 -4.60 66.37 -8.42
C PHE B 250 -4.39 65.41 -7.27
N PHE B 251 -5.43 65.19 -6.49
CA PHE B 251 -5.45 64.15 -5.47
C PHE B 251 -6.85 63.53 -5.48
N CYS B 252 -7.01 62.38 -4.86
CA CYS B 252 -8.31 61.76 -4.70
C CYS B 252 -8.65 61.58 -3.22
N LEU B 253 -9.88 61.88 -2.86
CA LEU B 253 -10.47 61.51 -1.58
C LEU B 253 -11.70 60.69 -1.94
N GLU B 254 -11.63 59.39 -1.69
CA GLU B 254 -12.57 58.39 -2.21
C GLU B 254 -13.45 57.87 -1.09
N PRO B 255 -14.71 58.32 -1.02
CA PRO B 255 -15.62 57.77 -0.03
C PRO B 255 -16.10 56.34 -0.39
N MSE B 256 -16.12 55.46 0.62
CA MSE B 256 -16.51 54.06 0.46
C MSE B 256 -17.45 53.64 1.55
O MSE B 256 -17.27 54.03 2.71
CB MSE B 256 -15.25 53.14 0.53
CG MSE B 256 -14.25 53.36 -0.53
SE MSE B 256 -12.50 52.59 0.03
CE MSE B 256 -12.97 50.81 0.33
N SER B 257 -18.41 52.80 1.22
CA SER B 257 -19.44 52.34 2.16
C SER B 257 -18.88 51.24 3.07
N HIS B 258 -17.64 50.80 2.81
CA HIS B 258 -17.03 49.71 3.51
C HIS B 258 -15.51 49.90 3.60
N ALA B 259 -14.84 49.02 4.33
CA ALA B 259 -13.40 49.10 4.44
C ALA B 259 -12.76 48.19 3.36
N PRO B 260 -11.54 48.50 2.96
CA PRO B 260 -10.80 47.60 2.07
C PRO B 260 -10.63 46.21 2.69
N ASP B 261 -10.81 45.19 1.84
CA ASP B 261 -10.76 43.78 2.28
C ASP B 261 -11.83 43.39 3.30
N ASP B 262 -12.94 44.12 3.31
CA ASP B 262 -14.06 43.70 4.14
C ASP B 262 -14.60 42.33 3.69
N HIS B 263 -14.36 41.92 2.43
CA HIS B 263 -14.74 40.54 2.03
C HIS B 263 -14.10 39.44 2.88
N HIS B 264 -12.99 39.76 3.56
CA HIS B 264 -12.29 38.81 4.40
CA HIS B 264 -12.27 38.83 4.39
C HIS B 264 -12.63 38.91 5.87
N ARG B 265 -13.43 39.91 6.25
CA ARG B 265 -13.80 40.14 7.66
C ARG B 265 -15.10 39.37 7.99
N PRO B 266 -15.38 39.12 9.29
CA PRO B 266 -16.62 38.38 9.64
C PRO B 266 -17.92 39.07 9.17
N GLU B 267 -18.78 38.27 8.55
CA GLU B 267 -20.04 38.72 7.98
C GLU B 267 -19.83 39.88 6.98
N GLY B 268 -18.64 39.94 6.40
CA GLY B 268 -18.32 40.95 5.39
C GLY B 268 -18.13 42.38 5.90
N GLY B 269 -17.89 42.57 7.18
CA GLY B 269 -17.64 43.92 7.69
C GLY B 269 -18.81 44.86 7.41
N ASP B 270 -18.55 45.96 6.73
CA ASP B 270 -19.59 46.93 6.40
C ASP B 270 -20.23 46.75 5.02
N LEU B 271 -19.85 45.70 4.31
CA LEU B 271 -20.55 45.34 3.08
C LEU B 271 -21.98 44.96 3.47
N ILE B 272 -22.89 45.17 2.54
CA ILE B 272 -24.30 44.91 2.76
C ILE B 272 -24.65 43.64 1.99
N ALA B 273 -25.17 42.66 2.74
CA ALA B 273 -25.67 41.42 2.14
C ALA B 273 -26.98 41.70 1.41
N LEU B 274 -26.99 41.51 0.09
CA LEU B 274 -28.17 41.68 -0.72
C LEU B 274 -28.58 40.33 -1.29
N ALA B 275 -29.79 39.91 -0.95
CA ALA B 275 -30.41 38.72 -1.50
C ALA B 275 -30.78 39.07 -2.94
N PRO B 276 -31.00 38.05 -3.79
CA PRO B 276 -31.50 38.35 -5.13
C PRO B 276 -32.74 39.23 -5.10
N GLY B 277 -32.70 40.32 -5.84
CA GLY B 277 -33.82 41.21 -5.89
C GLY B 277 -33.80 42.32 -4.89
N GLU B 278 -32.88 42.28 -3.93
CA GLU B 278 -32.72 43.34 -2.94
C GLU B 278 -31.75 44.43 -3.41
N SER B 279 -31.96 45.64 -2.90
CA SER B 279 -31.18 46.81 -3.30
C SER B 279 -30.62 47.58 -2.11
N THR B 280 -29.60 48.37 -2.40
CA THR B 280 -29.06 49.33 -1.44
C THR B 280 -28.64 50.61 -2.18
N THR B 281 -28.70 51.73 -1.48
CA THR B 281 -28.43 53.03 -2.05
CA THR B 281 -28.46 53.06 -2.04
C THR B 281 -27.44 53.81 -1.18
N SER B 282 -26.58 54.60 -1.83
CA SER B 282 -25.69 55.54 -1.13
CA SER B 282 -25.65 55.54 -1.14
C SER B 282 -25.72 56.87 -1.88
N GLU B 283 -25.46 57.94 -1.17
CA GLU B 283 -25.46 59.27 -1.76
C GLU B 283 -24.21 59.99 -1.32
N MSE B 284 -23.61 60.72 -2.25
CA MSE B 284 -22.53 61.67 -1.99
C MSE B 284 -23.04 63.04 -2.44
O MSE B 284 -23.58 63.16 -3.56
CB MSE B 284 -21.25 61.30 -2.74
CG MSE B 284 -20.19 62.35 -2.78
SE MSE B 284 -18.60 61.92 -3.78
CE MSE B 284 -19.29 62.07 -5.53
N SER B 285 -22.89 64.03 -1.60
CA SER B 285 -23.09 65.43 -1.99
C SER B 285 -21.81 66.26 -1.89
N LEU B 286 -21.62 67.16 -2.89
CA LEU B 286 -20.52 68.09 -2.90
C LEU B 286 -21.17 69.48 -3.00
N ARG B 287 -21.10 70.22 -1.91
CA ARG B 287 -21.57 71.60 -1.84
C ARG B 287 -20.41 72.57 -1.87
N VAL B 288 -20.52 73.61 -2.71
CA VAL B 288 -19.48 74.62 -2.82
CA VAL B 288 -19.47 74.62 -2.78
C VAL B 288 -19.85 75.83 -1.94
N GLU B 289 -18.89 76.36 -1.23
CA GLU B 289 -19.17 77.52 -0.38
C GLU B 289 -17.99 78.46 -0.41
N TRP B 290 -18.29 79.72 -0.19
CA TRP B 290 -17.28 80.74 -0.18
C TRP B 290 -16.52 80.65 1.11
N LEU B 291 -15.20 80.73 1.04
CA LEU B 291 -14.42 81.06 2.21
C LEU B 291 -14.60 82.57 2.53
N GLY C 1 21.12 -56.88 -18.63
N GLY C 1 24.95 -56.89 -17.67
CA GLY C 1 22.09 -57.85 -18.07
CA GLY C 1 23.64 -57.63 -17.74
C GLY C 1 22.02 -57.94 -16.56
C GLY C 1 23.38 -58.05 -16.32
N MSE C 2 22.52 -59.06 -16.04
CA MSE C 2 22.48 -59.34 -14.62
C MSE C 2 23.40 -60.49 -14.35
O MSE C 2 23.74 -61.26 -15.26
CB MSE C 2 21.12 -59.59 -13.98
CG MSE C 2 20.45 -60.93 -14.20
SE MSE C 2 18.86 -61.22 -13.15
CE MSE C 2 18.56 -62.96 -13.74
N THR C 3 23.87 -60.56 -13.11
CA THR C 3 24.77 -61.58 -12.70
C THR C 3 24.29 -62.17 -11.37
N ILE C 4 24.31 -63.49 -11.25
CA ILE C 4 23.97 -64.19 -10.05
CA ILE C 4 24.00 -64.12 -10.00
C ILE C 4 25.20 -64.96 -9.58
N TYR C 5 25.63 -64.64 -8.35
CA TYR C 5 26.78 -65.23 -7.72
CA TYR C 5 26.76 -65.32 -7.76
C TYR C 5 26.31 -66.30 -6.74
N THR C 6 26.87 -67.50 -6.81
CA THR C 6 26.54 -68.51 -5.83
C THR C 6 27.70 -68.74 -4.88
N LEU C 7 27.40 -68.73 -3.58
CA LEU C 7 28.35 -69.09 -2.54
CA LEU C 7 28.36 -69.12 -2.55
C LEU C 7 27.93 -70.42 -1.95
N SER C 8 28.90 -71.23 -1.53
CA SER C 8 28.51 -72.46 -0.80
C SER C 8 29.53 -72.89 0.20
N HIS C 9 29.03 -73.51 1.25
CA HIS C 9 29.91 -74.06 2.30
C HIS C 9 29.16 -75.15 2.94
N GLY C 10 29.72 -76.36 2.95
CA GLY C 10 28.98 -77.46 3.54
C GLY C 10 27.67 -77.69 2.79
N SER C 11 26.58 -77.71 3.53
CA SER C 11 25.25 -77.95 3.01
C SER C 11 24.58 -76.61 2.63
N LEU C 12 25.23 -75.49 2.89
CA LEU C 12 24.60 -74.19 2.69
C LEU C 12 24.97 -73.61 1.35
N LYS C 13 23.96 -73.00 0.70
CA LYS C 13 24.07 -72.41 -0.63
CA LYS C 13 24.12 -72.37 -0.60
C LYS C 13 23.37 -71.06 -0.61
N LEU C 14 24.00 -70.04 -1.15
CA LEU C 14 23.46 -68.71 -1.22
C LEU C 14 23.61 -68.18 -2.66
N ASP C 15 22.54 -67.60 -3.22
CA ASP C 15 22.57 -66.97 -4.52
C ASP C 15 22.36 -65.47 -4.31
N VAL C 16 23.19 -64.62 -4.91
CA VAL C 16 23.06 -63.18 -4.76
C VAL C 16 23.14 -62.52 -6.13
N SER C 17 22.25 -61.57 -6.38
CA SER C 17 22.18 -60.84 -7.61
C SER C 17 22.79 -59.42 -7.49
N ASP C 18 23.45 -58.99 -8.57
CA ASP C 18 23.92 -57.60 -8.64
C ASP C 18 22.78 -56.62 -8.89
N GLN C 19 21.59 -57.12 -9.19
CA GLN C 19 20.44 -56.24 -9.34
C GLN C 19 19.84 -55.98 -7.97
N GLY C 20 20.10 -54.79 -7.42
CA GLY C 20 19.65 -54.45 -6.11
C GLY C 20 20.41 -55.04 -4.93
N GLY C 21 21.50 -55.74 -5.23
CA GLY C 21 22.29 -56.39 -4.19
C GLY C 21 21.45 -57.38 -3.39
N VAL C 22 20.53 -58.03 -4.09
CA VAL C 22 19.54 -58.91 -3.43
C VAL C 22 19.99 -60.33 -3.31
N ILE C 23 19.61 -60.96 -2.22
CA ILE C 23 19.70 -62.42 -2.12
C ILE C 23 18.57 -63.01 -2.93
N GLU C 24 18.89 -63.98 -3.79
CA GLU C 24 17.89 -64.74 -4.60
C GLU C 24 17.66 -66.14 -4.16
N GLY C 25 18.44 -66.62 -3.20
CA GLY C 25 18.12 -67.89 -2.57
C GLY C 25 19.09 -68.16 -1.45
N PHE C 26 18.61 -68.85 -0.41
CA PHE C 26 19.46 -69.32 0.69
C PHE C 26 18.89 -70.69 1.06
N TRP C 27 19.71 -71.73 0.98
CA TRP C 27 19.23 -73.08 1.14
C TRP C 27 20.17 -73.90 2.00
N ARG C 28 19.58 -74.86 2.70
CA ARG C 28 20.31 -75.93 3.40
CA ARG C 28 20.32 -75.91 3.36
C ARG C 28 19.89 -77.18 2.66
N ASP C 29 20.81 -77.79 1.91
CA ASP C 29 20.43 -78.85 0.97
C ASP C 29 19.35 -78.32 0.00
N THR C 30 18.20 -78.97 -0.14
CA THR C 30 17.14 -78.42 -0.97
C THR C 30 16.09 -77.60 -0.19
N THR C 31 16.30 -77.44 1.11
CA THR C 31 15.38 -76.72 1.97
C THR C 31 15.58 -75.21 1.91
N PRO C 32 14.56 -74.46 1.49
CA PRO C 32 14.72 -73.02 1.47
C PRO C 32 14.67 -72.38 2.81
N LEU C 33 15.68 -71.62 3.16
CA LEU C 33 15.75 -70.89 4.42
C LEU C 33 15.14 -69.51 4.31
N LEU C 34 15.28 -68.90 3.13
CA LEU C 34 14.52 -67.71 2.74
C LEU C 34 13.67 -68.11 1.57
N ARG C 35 12.64 -67.32 1.31
CA ARG C 35 11.81 -67.54 0.14
C ARG C 35 12.69 -67.54 -1.10
N PRO C 36 12.55 -68.55 -1.99
CA PRO C 36 13.37 -68.51 -3.18
C PRO C 36 12.97 -67.35 -4.07
N GLY C 37 13.96 -66.61 -4.53
CA GLY C 37 13.73 -65.48 -5.37
C GLY C 37 13.35 -65.87 -6.78
N LYS C 38 12.63 -64.99 -7.45
CA LYS C 38 12.26 -65.21 -8.82
C LYS C 38 13.41 -64.90 -9.85
N LYS C 39 14.44 -64.22 -9.39
CA LYS C 39 15.52 -63.82 -10.25
C LYS C 39 15.02 -62.97 -11.41
N SER C 40 14.10 -62.07 -11.09
CA SER C 40 13.40 -61.31 -12.15
C SER C 40 14.08 -59.92 -12.30
N GLY C 41 14.97 -59.55 -11.39
CA GLY C 41 15.53 -58.20 -11.36
C GLY C 41 14.64 -57.21 -10.60
N VAL C 42 13.54 -57.68 -10.00
CA VAL C 42 12.70 -56.84 -9.17
C VAL C 42 12.90 -57.27 -7.72
N ALA C 43 13.30 -56.34 -6.85
CA ALA C 43 13.72 -56.68 -5.51
C ALA C 43 12.63 -57.32 -4.66
N THR C 44 11.40 -56.89 -4.87
CA THR C 44 10.26 -57.44 -4.10
C THR C 44 9.87 -58.87 -4.54
N ASP C 45 10.54 -59.40 -5.55
CA ASP C 45 10.42 -60.81 -5.97
C ASP C 45 11.58 -61.66 -5.43
N ALA C 46 12.52 -61.05 -4.75
CA ALA C 46 13.77 -61.73 -4.31
C ALA C 46 13.61 -62.38 -2.93
N SER C 47 14.70 -62.85 -2.33
CA SER C 47 14.73 -63.40 -1.00
C SER C 47 15.01 -62.39 0.10
N CYS C 48 15.76 -61.33 -0.22
CA CYS C 48 16.14 -60.30 0.71
C CYS C 48 16.72 -59.15 -0.03
N PHE C 49 16.48 -57.90 0.41
CA PHE C 49 17.13 -56.77 -0.20
C PHE C 49 17.65 -55.81 0.89
N PRO C 50 18.70 -55.05 0.57
CA PRO C 50 19.30 -54.17 1.56
C PRO C 50 18.53 -52.86 1.63
N LEU C 51 18.62 -52.22 2.79
CA LEU C 51 18.02 -50.92 3.02
C LEU C 51 19.13 -49.90 3.30
N VAL C 52 19.30 -48.97 2.37
CA VAL C 52 20.37 -47.97 2.45
C VAL C 52 19.99 -46.83 1.51
N PRO C 53 20.06 -45.55 1.94
CA PRO C 53 20.68 -45.01 3.15
C PRO C 53 19.82 -44.84 4.35
N PHE C 54 18.67 -45.42 4.31
CA PHE C 54 17.77 -45.59 5.47
C PHE C 54 16.65 -46.58 5.10
N ALA C 55 15.92 -47.02 6.10
CA ALA C 55 14.82 -47.96 5.88
C ALA C 55 13.44 -47.32 5.96
N ASN C 56 12.48 -47.93 5.28
CA ASN C 56 11.09 -47.54 5.32
C ASN C 56 10.86 -46.15 4.70
N ARG C 57 9.89 -45.40 5.19
CA ARG C 57 9.37 -44.18 4.61
C ARG C 57 9.58 -43.03 5.61
N VAL C 58 9.67 -41.84 5.05
CA VAL C 58 9.78 -40.57 5.80
C VAL C 58 8.46 -39.88 5.44
N SER C 59 7.54 -39.82 6.42
CA SER C 59 6.19 -39.33 6.14
CA SER C 59 6.19 -39.31 6.22
C SER C 59 6.28 -37.93 5.62
N GLY C 60 5.57 -37.68 4.51
CA GLY C 60 5.58 -36.39 3.87
C GLY C 60 6.68 -36.20 2.82
N ASN C 61 7.59 -37.18 2.72
CA ASN C 61 8.69 -37.13 1.78
C ASN C 61 9.54 -35.87 1.98
N ARG C 62 9.72 -35.49 3.24
CA ARG C 62 10.53 -34.34 3.57
C ARG C 62 11.06 -34.47 4.99
N PHE C 63 12.14 -33.75 5.24
CA PHE C 63 12.67 -33.67 6.60
C PHE C 63 13.57 -32.45 6.70
N VAL C 64 13.83 -32.06 7.95
CA VAL C 64 14.78 -30.99 8.23
C VAL C 64 15.97 -31.61 8.93
N TRP C 65 17.15 -31.20 8.50
CA TRP C 65 18.38 -31.62 9.14
C TRP C 65 19.32 -30.42 9.19
N GLN C 66 19.79 -30.12 10.40
CA GLN C 66 20.65 -28.96 10.69
C GLN C 66 20.15 -27.69 9.97
N GLY C 67 18.84 -27.44 10.09
CA GLY C 67 18.25 -26.20 9.59
C GLY C 67 17.93 -26.10 8.11
N ARG C 68 18.09 -27.20 7.40
CA ARG C 68 17.87 -27.22 5.99
C ARG C 68 16.72 -28.23 5.72
N GLU C 69 15.79 -27.83 4.86
CA GLU C 69 14.66 -28.69 4.43
C GLU C 69 15.07 -29.49 3.17
N TYR C 70 14.91 -30.80 3.26
CA TYR C 70 15.19 -31.74 2.21
C TYR C 70 13.88 -32.44 1.78
N GLN C 71 13.72 -32.65 0.49
CA GLN C 71 12.56 -33.32 -0.02
C GLN C 71 12.95 -34.50 -0.87
N LEU C 72 12.20 -35.58 -0.68
CA LEU C 72 12.41 -36.84 -1.39
C LEU C 72 11.30 -37.05 -2.44
N GLN C 73 11.65 -37.69 -3.57
CA GLN C 73 10.64 -37.98 -4.62
C GLN C 73 10.34 -39.47 -4.59
N PRO C 74 9.13 -39.85 -4.93
CA PRO C 74 8.87 -41.30 -4.93
C PRO C 74 9.80 -42.06 -5.85
N ASN C 75 10.21 -43.24 -5.39
CA ASN C 75 11.20 -44.06 -6.12
C ASN C 75 10.59 -45.34 -6.73
N VAL C 76 9.39 -45.71 -6.31
CA VAL C 76 8.69 -46.86 -6.91
C VAL C 76 7.27 -46.42 -7.31
N GLU C 77 6.76 -46.98 -8.41
CA GLU C 77 5.50 -46.52 -8.96
CA GLU C 77 5.48 -46.58 -8.98
C GLU C 77 4.30 -46.81 -8.05
N TRP C 78 4.42 -47.77 -7.15
CA TRP C 78 3.30 -48.25 -6.38
C TRP C 78 3.20 -47.67 -4.95
N ASP C 79 4.02 -46.69 -4.63
CA ASP C 79 4.06 -46.06 -3.32
C ASP C 79 4.26 -44.55 -3.51
N ALA C 80 3.38 -43.76 -2.91
CA ALA C 80 3.54 -42.30 -2.91
C ALA C 80 4.77 -41.87 -2.12
N HIS C 81 5.21 -42.68 -1.18
CA HIS C 81 6.41 -42.34 -0.43
C HIS C 81 7.66 -42.98 -0.99
N TYR C 82 8.73 -42.21 -1.01
CA TYR C 82 10.05 -42.76 -1.20
C TYR C 82 10.24 -43.85 -0.17
N LEU C 83 10.76 -45.02 -0.58
CA LEU C 83 10.80 -46.16 0.23
C LEU C 83 12.15 -46.88 0.18
N HIS C 84 12.67 -47.20 1.37
CA HIS C 84 13.80 -48.17 1.54
C HIS C 84 15.10 -47.76 0.88
N GLY C 85 15.26 -46.48 0.60
CA GLY C 85 16.50 -46.00 0.02
C GLY C 85 16.63 -46.32 -1.42
N ASP C 86 17.89 -46.34 -1.90
CA ASP C 86 18.14 -46.55 -3.30
C ASP C 86 18.83 -47.89 -3.61
N GLY C 87 19.51 -48.48 -2.65
CA GLY C 87 20.33 -49.66 -2.91
C GLY C 87 19.55 -50.79 -3.60
N TRP C 88 18.34 -51.03 -3.07
CA TRP C 88 17.51 -52.10 -3.57
C TRP C 88 17.07 -51.94 -4.99
N LEU C 89 17.18 -50.74 -5.55
CA LEU C 89 16.76 -50.45 -6.95
C LEU C 89 17.95 -50.26 -7.91
N GLY C 90 19.14 -50.28 -7.39
CA GLY C 90 20.31 -49.97 -8.21
C GLY C 90 21.05 -51.21 -8.70
N GLU C 91 21.94 -51.02 -9.67
CA GLU C 91 22.84 -52.08 -10.10
CA GLU C 91 22.84 -52.08 -10.11
C GLU C 91 24.19 -51.98 -9.34
N TRP C 92 24.58 -53.07 -8.71
CA TRP C 92 25.79 -53.15 -7.88
C TRP C 92 26.91 -53.80 -8.71
N GLN C 93 28.16 -53.59 -8.30
CA GLN C 93 29.30 -54.18 -8.95
CA GLN C 93 29.34 -54.13 -8.93
C GLN C 93 29.98 -55.13 -7.98
N CYS C 94 30.38 -56.28 -8.49
CA CYS C 94 31.10 -57.23 -7.69
C CYS C 94 32.57 -56.82 -7.66
N VAL C 95 33.11 -56.63 -6.46
CA VAL C 95 34.54 -56.27 -6.30
C VAL C 95 35.35 -57.34 -5.56
N SER C 96 34.73 -58.44 -5.19
CA SER C 96 35.39 -59.61 -4.58
C SER C 96 34.45 -60.80 -4.58
N HIS C 97 34.96 -61.99 -4.92
CA HIS C 97 34.13 -63.22 -4.92
C HIS C 97 35.05 -64.39 -4.69
N SER C 98 34.67 -65.27 -3.80
CA SER C 98 35.33 -66.55 -3.62
C SER C 98 34.22 -67.60 -3.41
N ASP C 99 34.59 -68.84 -3.16
CA ASP C 99 33.59 -69.91 -3.00
C ASP C 99 32.65 -69.59 -1.83
N ASP C 100 33.12 -68.82 -0.85
CA ASP C 100 32.40 -68.59 0.41
C ASP C 100 32.15 -67.13 0.74
N SER C 101 32.39 -66.24 -0.19
CA SER C 101 32.33 -64.80 0.11
C SER C 101 32.04 -64.00 -1.12
N LEU C 102 31.47 -62.82 -0.92
CA LEU C 102 31.16 -61.88 -2.04
C LEU C 102 31.08 -60.51 -1.47
N CYS C 103 31.61 -59.53 -2.20
CA CYS C 103 31.41 -58.14 -1.86
C CYS C 103 30.86 -57.41 -3.08
N LEU C 104 29.71 -56.78 -2.90
CA LEU C 104 29.11 -55.90 -3.92
C LEU C 104 29.22 -54.44 -3.49
N VAL C 105 29.34 -53.53 -4.44
CA VAL C 105 29.40 -52.11 -4.14
C VAL C 105 28.42 -51.35 -5.00
N TYR C 106 27.82 -50.31 -4.46
CA TYR C 106 26.88 -49.42 -5.15
C TYR C 106 27.23 -47.98 -4.79
N GLU C 107 27.28 -47.09 -5.79
CA GLU C 107 27.51 -45.68 -5.59
C GLU C 107 26.31 -44.94 -6.07
N HIS C 108 25.88 -43.96 -5.29
CA HIS C 108 24.71 -43.19 -5.63
C HIS C 108 25.07 -41.72 -5.67
N ARG C 109 24.67 -41.03 -6.74
CA ARG C 109 25.07 -39.65 -7.01
CA ARG C 109 25.06 -39.63 -6.95
C ARG C 109 23.89 -38.83 -7.51
N SER C 110 22.70 -39.09 -6.99
CA SER C 110 21.54 -38.28 -7.30
C SER C 110 20.66 -38.19 -6.08
N GLY C 111 19.63 -37.36 -6.16
CA GLY C 111 18.73 -37.24 -5.04
C GLY C 111 19.36 -36.52 -3.84
N VAL C 112 18.85 -36.83 -2.66
CA VAL C 112 19.25 -36.12 -1.44
C VAL C 112 20.57 -36.62 -0.89
N TYR C 113 20.76 -37.93 -0.91
CA TYR C 113 21.91 -38.57 -0.35
C TYR C 113 22.85 -39.05 -1.42
N HIS C 114 24.14 -38.72 -1.28
CA HIS C 114 25.20 -39.29 -2.16
C HIS C 114 26.10 -40.15 -1.29
N TYR C 115 26.41 -41.36 -1.72
CA TYR C 115 27.12 -42.29 -0.87
C TYR C 115 27.68 -43.44 -1.68
N ARG C 116 28.60 -44.15 -1.03
CA ARG C 116 29.07 -45.45 -1.48
C ARG C 116 28.67 -46.44 -0.45
N VAL C 117 28.15 -47.58 -0.89
CA VAL C 117 27.77 -48.64 0.07
C VAL C 117 28.34 -49.99 -0.39
N SER C 118 28.95 -50.73 0.54
CA SER C 118 29.39 -52.09 0.27
C SER C 118 28.49 -53.02 1.03
N GLN C 119 28.23 -54.17 0.39
CA GLN C 119 27.51 -55.25 1.04
C GLN C 119 28.35 -56.51 0.91
N ALA C 120 28.76 -57.03 2.05
CA ALA C 120 29.68 -58.14 2.14
C ALA C 120 28.98 -59.34 2.67
N PHE C 121 29.15 -60.50 2.01
CA PHE C 121 28.51 -61.73 2.38
C PHE C 121 29.55 -62.76 2.66
N HIS C 122 29.34 -63.53 3.72
CA HIS C 122 30.24 -64.62 4.11
C HIS C 122 29.42 -65.80 4.62
N LEU C 123 29.78 -67.01 4.13
CA LEU C 123 29.10 -68.21 4.50
CA LEU C 123 29.12 -68.26 4.53
C LEU C 123 30.07 -69.16 5.23
N THR C 124 29.65 -69.67 6.40
CA THR C 124 30.31 -70.77 7.06
C THR C 124 29.38 -72.01 6.93
N ALA C 125 29.68 -73.10 7.62
CA ALA C 125 28.83 -74.30 7.50
C ALA C 125 27.45 -74.14 8.07
N ASP C 126 27.29 -73.15 8.98
CA ASP C 126 26.01 -72.89 9.60
C ASP C 126 25.53 -71.46 9.65
N THR C 127 26.30 -70.51 9.14
CA THR C 127 25.94 -69.10 9.35
C THR C 127 26.19 -68.30 8.07
N LEU C 128 25.23 -67.45 7.71
CA LEU C 128 25.43 -66.39 6.76
C LEU C 128 25.64 -65.07 7.52
N THR C 129 26.66 -64.32 7.17
CA THR C 129 26.89 -62.97 7.68
CA THR C 129 26.81 -62.95 7.69
C THR C 129 26.80 -61.97 6.54
N VAL C 130 26.01 -60.90 6.69
CA VAL C 130 25.89 -59.86 5.71
C VAL C 130 26.24 -58.53 6.38
N THR C 131 27.10 -57.74 5.76
CA THR C 131 27.59 -56.50 6.40
C THR C 131 27.35 -55.36 5.44
N LEU C 132 26.66 -54.31 5.86
CA LEU C 132 26.47 -53.10 5.05
C LEU C 132 27.32 -52.01 5.59
N SER C 133 28.14 -51.39 4.74
CA SER C 133 28.92 -50.24 5.17
CA SER C 133 28.94 -50.25 5.16
C SER C 133 28.68 -49.10 4.22
N VAL C 134 28.22 -47.94 4.75
CA VAL C 134 27.83 -46.80 3.94
C VAL C 134 28.67 -45.59 4.32
N THR C 135 29.19 -44.91 3.29
CA THR C 135 30.08 -43.72 3.42
C THR C 135 29.38 -42.55 2.74
N ASN C 136 29.21 -41.46 3.49
CA ASN C 136 28.66 -40.22 2.97
C ASN C 136 29.65 -39.63 1.96
N GLN C 137 29.18 -39.41 0.72
CA GLN C 137 29.98 -38.79 -0.38
C GLN C 137 29.37 -37.48 -0.87
N GLY C 138 28.46 -36.92 -0.10
CA GLY C 138 27.82 -35.64 -0.37
C GLY C 138 28.55 -34.48 0.26
N ALA C 139 27.98 -33.30 0.12
CA ALA C 139 28.65 -32.09 0.54
C ALA C 139 28.34 -31.72 1.98
N GLU C 140 27.27 -32.28 2.51
CA GLU C 140 26.75 -31.97 3.86
C GLU C 140 26.55 -33.22 4.71
N THR C 141 26.67 -33.04 6.01
CA THR C 141 26.32 -34.07 6.98
C THR C 141 24.84 -34.42 6.81
N LEU C 142 24.52 -35.71 6.79
CA LEU C 142 23.13 -36.18 6.82
C LEU C 142 23.00 -37.38 7.74
N PRO C 143 21.73 -37.75 8.11
CA PRO C 143 21.52 -38.90 9.00
C PRO C 143 21.28 -40.20 8.24
N PHE C 144 22.04 -41.24 8.57
CA PHE C 144 22.02 -42.48 7.82
C PHE C 144 21.56 -43.65 8.67
N GLY C 145 20.95 -44.63 7.98
CA GLY C 145 20.66 -45.89 8.61
C GLY C 145 20.79 -47.03 7.60
N THR C 146 20.70 -48.24 8.13
CA THR C 146 20.90 -49.46 7.33
C THR C 146 19.94 -50.54 7.84
N GLY C 147 19.66 -51.53 7.02
CA GLY C 147 18.87 -52.67 7.45
C GLY C 147 18.69 -53.60 6.26
N TRP C 148 17.87 -54.62 6.48
CA TRP C 148 17.57 -55.61 5.46
C TRP C 148 16.10 -55.97 5.48
N HIS C 149 15.65 -56.52 4.37
CA HIS C 149 14.26 -56.89 4.22
C HIS C 149 14.19 -58.33 3.73
N PRO C 150 14.41 -59.29 4.59
CA PRO C 150 14.34 -60.67 4.17
C PRO C 150 12.92 -61.20 4.15
N TYR C 151 12.70 -62.10 3.22
CA TYR C 151 11.44 -62.87 3.05
C TYR C 151 11.67 -64.29 3.50
N PHE C 152 10.95 -64.69 4.56
CA PHE C 152 11.07 -66.04 5.12
C PHE C 152 9.85 -66.86 4.65
N PRO C 153 10.02 -68.16 4.45
CA PRO C 153 8.90 -69.06 4.15
C PRO C 153 7.96 -69.04 5.36
N LEU C 154 6.68 -69.07 5.10
CA LEU C 154 5.67 -69.14 6.14
C LEU C 154 4.85 -70.41 6.02
N SER C 155 4.73 -71.13 7.13
CA SER C 155 3.85 -72.26 7.38
C SER C 155 2.92 -71.89 8.52
N PRO C 156 1.79 -72.57 8.59
CA PRO C 156 0.95 -72.38 9.78
C PRO C 156 1.72 -72.72 11.05
N GLN C 157 2.78 -73.52 10.94
CA GLN C 157 3.54 -73.92 12.14
C GLN C 157 4.68 -72.95 12.51
N THR C 158 5.07 -72.05 11.60
CA THR C 158 6.20 -71.13 11.85
C THR C 158 5.96 -70.32 13.11
N ARG C 159 7.03 -70.08 13.89
CA ARG C 159 6.92 -69.18 15.03
C ARG C 159 8.06 -68.22 14.96
N ILE C 160 7.84 -67.00 15.47
CA ILE C 160 8.93 -66.05 15.63
C ILE C 160 9.02 -65.52 17.06
N GLN C 161 10.26 -65.13 17.43
CA GLN C 161 10.49 -64.50 18.72
CA GLN C 161 10.50 -64.50 18.72
C GLN C 161 11.37 -63.28 18.41
N ALA C 162 10.97 -62.14 18.93
CA ALA C 162 11.74 -60.92 18.75
C ALA C 162 11.22 -59.91 19.78
N GLN C 163 12.07 -59.64 20.79
CA GLN C 163 11.75 -58.74 21.92
C GLN C 163 11.23 -57.41 21.42
N ALA C 164 10.19 -56.92 22.09
CA ALA C 164 9.64 -55.59 21.76
C ALA C 164 8.94 -55.02 22.98
N SER C 165 9.06 -53.70 23.15
CA SER C 165 8.45 -53.02 24.25
C SER C 165 7.22 -52.20 23.81
N GLY C 166 6.99 -52.13 22.52
CA GLY C 166 5.84 -51.42 22.02
C GLY C 166 5.87 -51.46 20.50
N TYR C 167 4.87 -50.85 19.89
CA TYR C 167 4.78 -50.86 18.43
C TYR C 167 4.05 -49.66 17.90
N TRP C 168 4.19 -49.41 16.61
CA TRP C 168 3.49 -48.32 15.99
C TRP C 168 2.28 -48.89 15.23
N LEU C 169 1.11 -48.35 15.48
CA LEU C 169 -0.05 -48.70 14.71
CA LEU C 169 -0.06 -48.69 14.71
C LEU C 169 0.18 -48.28 13.28
N GLU C 170 -0.38 -49.01 12.33
CA GLU C 170 -0.35 -48.61 10.94
C GLU C 170 -1.47 -47.59 10.72
N ARG C 171 -1.14 -46.50 10.03
CA ARG C 171 -2.14 -45.54 9.62
C ARG C 171 -2.29 -45.53 8.08
N GLU C 172 -2.78 -44.44 7.51
CA GLU C 172 -2.95 -44.35 6.07
C GLU C 172 -1.62 -44.34 5.34
N GLN C 173 -1.69 -44.68 4.06
CA GLN C 173 -0.54 -44.65 3.16
C GLN C 173 0.58 -45.62 3.61
N TRP C 174 0.18 -46.68 4.33
CA TRP C 174 1.13 -47.68 4.83
C TRP C 174 2.15 -47.10 5.78
N LEU C 175 1.87 -45.94 6.35
CA LEU C 175 2.80 -45.31 7.26
C LEU C 175 2.63 -45.77 8.72
N ALA C 176 3.75 -45.70 9.46
CA ALA C 176 3.70 -45.83 10.91
C ALA C 176 2.89 -44.67 11.50
N GLY C 177 2.02 -45.01 12.43
CA GLY C 177 1.16 -44.06 13.10
C GLY C 177 1.49 -43.94 14.58
N GLU C 178 0.48 -43.96 15.42
CA GLU C 178 0.68 -43.74 16.85
C GLU C 178 1.47 -44.88 17.54
N PHE C 179 2.36 -44.51 18.45
CA PHE C 179 3.09 -45.50 19.25
C PHE C 179 2.25 -46.01 20.40
N CYS C 180 2.31 -47.32 20.65
CA CYS C 180 1.54 -47.96 21.71
C CYS C 180 2.45 -48.91 22.46
N GLU C 181 2.52 -48.72 23.78
CA GLU C 181 3.31 -49.60 24.65
C GLU C 181 2.65 -50.93 25.01
N GLN C 182 1.37 -51.09 24.69
CA GLN C 182 0.72 -52.37 24.94
C GLN C 182 0.64 -53.18 23.66
N LEU C 183 1.42 -54.24 23.55
CA LEU C 183 1.33 -55.06 22.35
C LEU C 183 0.05 -55.93 22.37
N PRO C 184 -0.71 -55.93 21.27
CA PRO C 184 -1.82 -56.90 21.24
C PRO C 184 -1.28 -58.31 21.23
N GLN C 185 -2.03 -59.25 21.77
CA GLN C 185 -1.52 -60.62 21.90
C GLN C 185 -1.04 -61.21 20.59
N GLU C 186 -1.73 -60.94 19.49
CA GLU C 186 -1.35 -61.48 18.20
C GLU C 186 -0.08 -60.92 17.65
N LEU C 187 0.36 -59.75 18.14
CA LEU C 187 1.60 -59.09 17.69
C LEU C 187 2.67 -59.06 18.78
N ASP C 188 2.56 -59.92 19.78
CA ASP C 188 3.51 -59.95 20.88
C ASP C 188 4.45 -61.13 20.67
N PHE C 189 5.66 -60.81 20.18
CA PHE C 189 6.64 -61.82 19.89
C PHE C 189 7.76 -61.88 20.94
N ASN C 190 7.50 -61.39 22.16
CA ASN C 190 8.48 -61.55 23.20
C ASN C 190 8.81 -63.01 23.52
N GLN C 191 7.79 -63.86 23.45
CA GLN C 191 7.98 -65.30 23.48
CA GLN C 191 7.92 -65.31 23.50
C GLN C 191 7.56 -65.84 22.12
N PRO C 192 8.07 -67.00 21.72
CA PRO C 192 7.76 -67.50 20.37
C PRO C 192 6.26 -67.57 20.11
N ALA C 193 5.82 -67.08 18.95
CA ALA C 193 4.41 -67.05 18.62
C ALA C 193 4.22 -67.20 17.10
N PRO C 194 3.07 -67.77 16.69
CA PRO C 194 2.77 -67.89 15.26
CA PRO C 194 2.82 -67.89 15.25
C PRO C 194 2.57 -66.53 14.61
N LEU C 195 2.75 -66.42 13.29
CA LEU C 195 2.33 -65.20 12.64
C LEU C 195 0.82 -65.07 12.58
N PRO C 196 0.27 -63.83 12.72
CA PRO C 196 -1.16 -63.68 12.56
C PRO C 196 -1.59 -64.05 11.16
N ARG C 197 -2.83 -64.58 11.00
CA ARG C 197 -3.35 -64.97 9.71
CA ARG C 197 -3.37 -64.99 9.72
C ARG C 197 -4.15 -63.83 9.08
N GLN C 198 -3.47 -62.68 8.93
CA GLN C 198 -4.08 -61.46 8.49
CA GLN C 198 -4.06 -61.50 8.35
C GLN C 198 -2.98 -60.47 8.11
N TRP C 199 -3.36 -59.39 7.45
CA TRP C 199 -2.43 -58.37 7.13
C TRP C 199 -1.71 -57.81 8.36
N VAL C 200 -0.39 -57.74 8.23
CA VAL C 200 0.44 -57.05 9.21
C VAL C 200 1.40 -56.15 8.46
N ASN C 201 1.52 -54.88 8.87
CA ASN C 201 2.52 -54.00 8.36
C ASN C 201 2.87 -53.02 9.47
N ASN C 202 3.71 -53.46 10.40
CA ASN C 202 3.93 -52.71 11.65
C ASN C 202 5.36 -52.76 12.07
N GLY C 203 5.81 -51.65 12.63
CA GLY C 203 7.12 -51.55 13.25
C GLY C 203 7.06 -51.73 14.76
N PHE C 204 8.15 -52.28 15.31
CA PHE C 204 8.27 -52.60 16.69
C PHE C 204 9.52 -51.96 17.30
N ALA C 205 9.37 -51.46 18.52
CA ALA C 205 10.49 -50.82 19.21
C ALA C 205 10.93 -51.65 20.37
N GLY C 206 12.04 -51.25 20.99
CA GLY C 206 12.51 -51.94 22.13
C GLY C 206 13.19 -53.26 21.87
N TRP C 207 13.63 -53.46 20.65
CA TRP C 207 14.26 -54.71 20.26
C TRP C 207 15.72 -54.75 20.75
N ASN C 208 16.20 -55.96 21.01
CA ASN C 208 17.61 -56.21 21.35
C ASN C 208 18.46 -56.68 20.14
N GLY C 209 17.90 -56.63 18.92
CA GLY C 209 18.68 -57.01 17.74
C GLY C 209 18.79 -58.52 17.51
N GLN C 210 18.08 -59.33 18.31
CA GLN C 210 18.14 -60.76 18.16
C GLN C 210 16.74 -61.30 17.87
N ALA C 211 16.66 -62.31 17.02
CA ALA C 211 15.35 -62.95 16.72
C ALA C 211 15.53 -64.42 16.47
N ARG C 212 14.42 -65.15 16.58
CA ARG C 212 14.38 -66.57 16.23
CA ARG C 212 14.41 -66.55 16.24
C ARG C 212 13.25 -66.76 15.25
N ILE C 213 13.52 -67.46 14.17
CA ILE C 213 12.47 -67.89 13.24
C ILE C 213 12.47 -69.39 13.33
N GLU C 214 11.44 -69.99 13.95
CA GLU C 214 11.34 -71.43 14.08
C GLU C 214 10.46 -72.07 12.99
N GLN C 215 10.98 -73.13 12.37
CA GLN C 215 10.31 -73.89 11.31
C GLN C 215 10.32 -75.35 11.77
N PRO C 216 9.52 -75.65 12.80
CA PRO C 216 9.62 -77.00 13.37
C PRO C 216 9.18 -78.13 12.43
N GLN C 217 8.37 -77.74 11.45
CA GLN C 217 7.84 -78.71 10.49
C GLN C 217 8.93 -79.06 9.44
N GLU C 218 10.04 -78.33 9.45
CA GLU C 218 11.23 -78.60 8.56
C GLU C 218 12.49 -78.90 9.38
N GLY C 219 12.33 -78.95 10.70
CA GLY C 219 13.38 -79.36 11.61
C GLY C 219 14.49 -78.35 11.86
N TYR C 220 14.27 -77.07 11.68
CA TYR C 220 15.33 -76.04 11.89
C TYR C 220 14.78 -74.73 12.46
N ALA C 221 15.66 -73.95 13.07
CA ALA C 221 15.37 -72.55 13.36
C ALA C 221 16.52 -71.68 12.77
N ILE C 222 16.16 -70.45 12.47
CA ILE C 222 17.12 -69.41 12.07
CA ILE C 222 17.12 -69.42 12.08
C ILE C 222 17.26 -68.46 13.24
N ILE C 223 18.51 -68.26 13.68
CA ILE C 223 18.84 -67.32 14.74
CA ILE C 223 18.84 -67.36 14.75
C ILE C 223 19.44 -66.09 14.10
N MSE C 224 18.78 -64.94 14.28
CA MSE C 224 19.19 -63.69 13.64
C MSE C 224 19.82 -62.84 14.74
O MSE C 224 19.24 -62.69 15.83
CB MSE C 224 17.98 -62.97 13.02
CG MSE C 224 18.31 -61.55 12.67
SE MSE C 224 16.79 -60.46 12.03
CE MSE C 224 16.18 -61.44 10.55
N GLU C 225 21.02 -62.34 14.44
CA GLU C 225 21.70 -61.42 15.35
C GLU C 225 22.19 -60.24 14.54
N THR C 226 22.14 -59.08 15.15
CA THR C 226 22.64 -57.90 14.49
C THR C 226 23.73 -57.26 15.37
N THR C 227 24.71 -56.64 14.71
CA THR C 227 25.80 -55.91 15.38
C THR C 227 26.06 -54.63 14.61
N PRO C 228 25.99 -53.46 15.25
CA PRO C 228 25.44 -53.21 16.58
C PRO C 228 24.01 -53.67 16.64
N PRO C 229 23.53 -53.92 17.85
CA PRO C 229 22.19 -54.48 17.98
C PRO C 229 21.11 -53.50 17.48
N ALA C 230 20.29 -53.97 16.58
CA ALA C 230 19.30 -53.11 15.95
C ALA C 230 18.16 -52.83 16.91
N PRO C 231 17.67 -51.60 16.91
CA PRO C 231 16.65 -51.26 17.90
C PRO C 231 15.19 -51.49 17.49
N CYS C 232 14.97 -51.75 16.21
CA CYS C 232 13.61 -51.82 15.66
CA CYS C 232 13.62 -51.79 15.63
C CYS C 232 13.51 -52.90 14.59
N TYR C 233 12.32 -53.50 14.49
CA TYR C 233 12.06 -54.41 13.40
C TYR C 233 10.66 -54.16 12.87
N PHE C 234 10.49 -54.45 11.58
CA PHE C 234 9.13 -54.44 11.00
CA PHE C 234 9.20 -54.42 10.99
C PHE C 234 8.73 -55.85 10.70
N ILE C 235 7.43 -56.10 10.80
CA ILE C 235 6.81 -57.38 10.36
C ILE C 235 5.91 -57.09 9.21
N PHE C 236 6.02 -57.95 8.18
CA PHE C 236 5.08 -57.89 7.06
C PHE C 236 4.46 -59.27 6.86
N VAL C 237 3.13 -59.30 6.86
CA VAL C 237 2.34 -60.47 6.45
C VAL C 237 1.30 -59.92 5.45
N SER C 238 1.20 -60.53 4.29
CA SER C 238 0.33 -59.96 3.23
C SER C 238 -1.10 -60.47 3.38
N ASP C 239 -1.93 -60.22 2.35
CA ASP C 239 -3.33 -60.67 2.33
C ASP C 239 -3.71 -60.88 0.83
N PRO C 240 -4.53 -61.91 0.54
CA PRO C 240 -5.05 -62.18 -0.83
C PRO C 240 -5.67 -60.96 -1.57
N ALA C 241 -6.12 -59.91 -0.84
CA ALA C 241 -6.77 -58.71 -1.41
C ALA C 241 -5.83 -57.51 -1.68
N PHE C 242 -4.53 -57.73 -1.53
CA PHE C 242 -3.54 -56.74 -1.90
C PHE C 242 -2.71 -57.36 -3.01
N ASP C 243 -2.31 -58.62 -2.78
CA ASP C 243 -1.52 -59.45 -3.69
C ASP C 243 -2.45 -60.64 -3.98
N LYS C 244 -3.05 -60.68 -5.18
CA LYS C 244 -3.97 -61.75 -5.60
C LYS C 244 -3.38 -63.17 -5.51
N GLY C 245 -2.07 -63.28 -5.74
CA GLY C 245 -1.36 -64.59 -5.70
C GLY C 245 -1.05 -65.15 -4.31
N TYR C 246 -1.21 -64.30 -3.30
CA TYR C 246 -0.70 -64.61 -1.96
C TYR C 246 -1.50 -65.69 -1.21
N ALA C 247 -0.75 -66.67 -0.72
CA ALA C 247 -1.30 -67.83 -0.08
C ALA C 247 -0.69 -68.05 1.30
N PHE C 248 -0.25 -66.96 1.94
CA PHE C 248 0.35 -67.02 3.29
C PHE C 248 1.56 -67.91 3.30
N ASP C 249 2.38 -67.75 2.27
CA ASP C 249 3.56 -68.57 2.00
C ASP C 249 4.86 -67.85 2.28
N PHE C 250 4.82 -66.56 2.64
CA PHE C 250 5.98 -65.91 3.19
C PHE C 250 5.59 -64.81 4.16
N PHE C 251 6.54 -64.39 5.01
CA PHE C 251 6.45 -63.18 5.80
C PHE C 251 7.82 -62.51 5.81
N CYS C 252 7.87 -61.26 6.27
CA CYS C 252 9.13 -60.56 6.42
C CYS C 252 9.32 -60.15 7.87
N LEU C 253 10.57 -60.29 8.34
CA LEU C 253 10.99 -59.73 9.61
C LEU C 253 12.21 -58.91 9.27
N GLU C 254 12.10 -57.56 9.32
CA GLU C 254 13.03 -56.60 8.72
C GLU C 254 13.80 -55.84 9.83
N PRO C 255 15.09 -56.16 10.02
CA PRO C 255 15.86 -55.47 11.05
C PRO C 255 16.28 -54.11 10.52
N MSE C 256 16.17 -53.10 11.34
CA MSE C 256 16.46 -51.72 10.98
CA MSE C 256 16.61 -51.77 10.92
C MSE C 256 17.36 -51.11 12.03
O MSE C 256 17.10 -51.28 13.17
CB MSE C 256 15.15 -50.97 10.98
CB MSE C 256 15.46 -50.86 10.42
CG MSE C 256 14.28 -51.38 9.71
CG MSE C 256 14.25 -50.73 11.30
SE MSE C 256 12.49 -50.89 10.00
SE MSE C 256 12.69 -50.02 10.30
CE MSE C 256 12.74 -48.86 10.49
CE MSE C 256 12.96 -50.97 8.66
N SER C 257 18.34 -50.31 11.64
CA SER C 257 19.22 -49.64 12.57
C SER C 257 18.61 -48.41 13.26
N HIS C 258 17.36 -48.09 12.89
CA HIS C 258 16.63 -46.95 13.38
C HIS C 258 15.12 -47.21 13.39
N ALA C 259 14.36 -46.26 13.92
CA ALA C 259 12.88 -46.32 14.00
C ALA C 259 12.32 -45.65 12.76
N PRO C 260 11.13 -46.10 12.34
CA PRO C 260 10.49 -45.37 11.26
C PRO C 260 10.26 -43.90 11.70
N ASP C 261 10.50 -42.98 10.74
CA ASP C 261 10.28 -41.58 10.93
C ASP C 261 11.24 -41.00 11.94
N ASP C 262 12.39 -41.67 12.15
CA ASP C 262 13.44 -41.04 12.97
C ASP C 262 13.93 -39.73 12.36
N HIS C 263 13.79 -39.54 11.03
CA HIS C 263 14.11 -38.27 10.46
C HIS C 263 13.38 -37.10 11.10
N HIS C 264 12.22 -37.36 11.70
CA HIS C 264 11.42 -36.34 12.37
CA HIS C 264 11.40 -36.35 12.37
C HIS C 264 11.69 -36.18 13.88
N ARG C 265 12.52 -37.06 14.43
CA ARG C 265 12.84 -37.04 15.85
C ARG C 265 14.04 -36.18 16.21
N PRO C 266 14.15 -35.73 17.48
CA PRO C 266 15.33 -34.95 17.81
C PRO C 266 16.65 -35.66 17.55
N GLU C 267 17.55 -34.90 16.95
CA GLU C 267 18.87 -35.32 16.49
C GLU C 267 18.77 -36.59 15.64
N GLY C 268 17.61 -36.81 14.99
CA GLY C 268 17.49 -37.93 14.11
C GLY C 268 17.27 -39.28 14.80
N GLY C 269 16.91 -39.29 16.09
CA GLY C 269 16.73 -40.55 16.78
C GLY C 269 17.93 -41.48 16.67
N ASP C 270 17.73 -42.70 16.15
CA ASP C 270 18.85 -43.68 16.05
C ASP C 270 19.54 -43.66 14.69
N LEU C 271 19.15 -42.72 13.84
CA LEU C 271 19.95 -42.48 12.63
C LEU C 271 21.34 -41.96 13.09
N ILE C 272 22.33 -42.23 12.27
CA ILE C 272 23.72 -41.86 12.53
CA ILE C 272 23.72 -41.85 12.55
C ILE C 272 24.11 -40.70 11.65
N ALA C 273 24.55 -39.59 12.24
CA ALA C 273 24.98 -38.43 11.49
C ALA C 273 26.36 -38.71 10.91
N LEU C 274 26.44 -38.71 9.60
CA LEU C 274 27.72 -38.87 8.90
C LEU C 274 28.12 -37.62 8.21
N ALA C 275 29.25 -37.06 8.63
CA ALA C 275 29.85 -36.00 7.86
C ALA C 275 30.38 -36.53 6.54
N PRO C 276 30.64 -35.63 5.58
CA PRO C 276 31.22 -36.12 4.33
C PRO C 276 32.53 -36.88 4.59
N GLY C 277 32.61 -38.07 4.01
CA GLY C 277 33.74 -38.96 4.21
C GLY C 277 33.62 -39.96 5.34
N GLU C 278 32.64 -39.78 6.23
CA GLU C 278 32.45 -40.70 7.35
C GLU C 278 31.53 -41.85 6.97
N SER C 279 31.68 -42.95 7.69
CA SER C 279 30.94 -44.16 7.40
CA SER C 279 30.92 -44.15 7.41
C SER C 279 30.29 -44.78 8.64
N THR C 280 29.33 -45.62 8.39
CA THR C 280 28.85 -46.48 9.46
C THR C 280 28.56 -47.86 8.90
N THR C 281 28.62 -48.85 9.78
CA THR C 281 28.49 -50.28 9.38
C THR C 281 27.47 -51.01 10.26
N SER C 282 26.71 -51.92 9.66
CA SER C 282 25.91 -52.86 10.45
CA SER C 282 25.77 -52.80 10.34
C SER C 282 26.00 -54.23 9.84
N GLU C 283 25.75 -55.24 10.68
CA GLU C 283 25.90 -56.62 10.27
C GLU C 283 24.65 -57.35 10.69
N MSE C 284 24.21 -58.27 9.86
CA MSE C 284 23.16 -59.23 10.28
C MSE C 284 23.75 -60.62 10.06
O MSE C 284 24.35 -60.85 8.98
CB MSE C 284 21.95 -59.04 9.39
CG MSE C 284 20.75 -60.06 9.52
SE MSE C 284 19.39 -59.91 8.20
CE MSE C 284 20.39 -60.22 6.67
N SER C 285 23.58 -61.51 11.01
CA SER C 285 23.94 -62.88 10.83
C SER C 285 22.67 -63.72 10.92
N LEU C 286 22.60 -64.74 10.08
CA LEU C 286 21.53 -65.74 10.12
C LEU C 286 22.21 -67.13 10.32
N ARG C 287 21.99 -67.75 11.46
CA ARG C 287 22.58 -69.02 11.79
C ARG C 287 21.51 -70.06 11.78
N VAL C 288 21.77 -71.18 11.12
CA VAL C 288 20.80 -72.29 11.04
CA VAL C 288 20.79 -72.28 11.05
C VAL C 288 21.07 -73.25 12.18
N GLU C 289 20.04 -73.59 12.95
CA GLU C 289 20.14 -74.52 14.06
C GLU C 289 19.27 -75.72 13.67
N TRP C 290 19.78 -76.93 13.84
CA TRP C 290 19.01 -78.12 13.65
C TRP C 290 18.28 -78.32 14.95
N LEU C 291 16.96 -78.48 14.86
CA LEU C 291 16.16 -78.70 16.06
C LEU C 291 16.17 -80.17 16.53
N GLY D 1 -31.51 -27.89 8.32
N GLY D 1 -31.34 -28.67 3.81
CA GLY D 1 -31.28 -27.91 6.85
CA GLY D 1 -31.21 -28.53 5.30
C GLY D 1 -30.46 -26.70 6.45
C GLY D 1 -30.08 -27.57 5.50
N MSE D 2 -30.39 -26.34 5.17
CA MSE D 2 -29.43 -25.34 4.84
C MSE D 2 -30.11 -23.99 5.06
O MSE D 2 -31.35 -23.90 5.06
CB MSE D 2 -29.08 -25.55 3.37
CG MSE D 2 -28.41 -24.43 2.72
SE MSE D 2 -28.02 -24.87 0.82
CE MSE D 2 -27.81 -26.66 1.03
N THR D 3 -29.29 -22.98 5.35
CA THR D 3 -29.76 -21.61 5.50
C THR D 3 -28.85 -20.69 4.68
N ILE D 4 -29.45 -19.74 3.97
CA ILE D 4 -28.71 -18.74 3.22
C ILE D 4 -29.18 -17.38 3.77
N TYR D 5 -28.18 -16.63 4.22
CA TYR D 5 -28.34 -15.31 4.82
CA TYR D 5 -28.37 -15.31 4.82
C TYR D 5 -27.92 -14.26 3.82
N THR D 6 -28.78 -13.28 3.59
CA THR D 6 -28.42 -12.21 2.64
C THR D 6 -28.16 -10.91 3.40
N LEU D 7 -27.09 -10.22 3.02
CA LEU D 7 -26.78 -8.89 3.55
CA LEU D 7 -26.76 -8.89 3.53
C LEU D 7 -26.76 -7.94 2.38
N SER D 8 -27.08 -6.68 2.62
CA SER D 8 -26.98 -5.74 1.53
C SER D 8 -26.74 -4.35 2.05
N HIS D 9 -26.11 -3.51 1.21
CA HIS D 9 -25.91 -2.11 1.55
C HIS D 9 -25.80 -1.45 0.23
N GLY D 10 -26.79 -0.63 -0.10
CA GLY D 10 -26.79 0.03 -1.40
C GLY D 10 -26.86 -1.02 -2.51
N SER D 11 -25.92 -0.93 -3.43
CA SER D 11 -25.83 -1.84 -4.57
CA SER D 11 -25.85 -1.86 -4.55
C SER D 11 -25.13 -3.18 -4.22
N LEU D 12 -24.47 -3.24 -3.07
CA LEU D 12 -23.72 -4.46 -2.72
C LEU D 12 -24.61 -5.45 -2.04
N LYS D 13 -24.48 -6.71 -2.45
CA LYS D 13 -25.23 -7.84 -1.90
C LYS D 13 -24.28 -9.01 -1.62
N LEU D 14 -24.50 -9.68 -0.50
CA LEU D 14 -23.74 -10.84 -0.08
C LEU D 14 -24.69 -11.92 0.36
N ASP D 15 -24.47 -13.14 -0.10
CA ASP D 15 -25.19 -14.33 0.39
C ASP D 15 -24.18 -15.22 1.10
N VAL D 16 -24.52 -15.70 2.28
CA VAL D 16 -23.66 -16.58 3.04
C VAL D 16 -24.46 -17.81 3.45
N SER D 17 -23.81 -18.98 3.45
CA SER D 17 -24.44 -20.21 3.90
C SER D 17 -23.92 -20.71 5.25
N ASP D 18 -24.79 -21.32 6.02
CA ASP D 18 -24.35 -22.02 7.21
C ASP D 18 -23.58 -23.32 6.92
N GLN D 19 -23.58 -23.78 5.68
CA GLN D 19 -22.89 -25.01 5.27
C GLN D 19 -21.46 -24.60 4.99
N GLY D 20 -20.58 -24.88 5.93
CA GLY D 20 -19.19 -24.48 5.87
C GLY D 20 -18.86 -23.00 6.07
N GLY D 21 -19.84 -22.19 6.45
CA GLY D 21 -19.60 -20.77 6.62
C GLY D 21 -19.15 -20.11 5.35
N VAL D 22 -19.67 -20.56 4.21
CA VAL D 22 -19.19 -20.12 2.94
C VAL D 22 -19.96 -18.93 2.40
N ILE D 23 -19.27 -18.08 1.67
CA ILE D 23 -19.96 -17.09 0.87
C ILE D 23 -20.52 -17.80 -0.37
N GLU D 24 -21.78 -17.55 -0.73
CA GLU D 24 -22.39 -18.12 -1.93
C GLU D 24 -22.64 -17.10 -3.02
N GLY D 25 -22.40 -15.83 -2.71
CA GLY D 25 -22.37 -14.80 -3.76
C GLY D 25 -21.98 -13.46 -3.21
N PHE D 26 -21.36 -12.65 -4.08
CA PHE D 26 -21.01 -11.26 -3.69
C PHE D 26 -21.14 -10.48 -4.98
N TRP D 27 -22.04 -9.51 -4.97
CA TRP D 27 -22.39 -8.79 -6.17
C TRP D 27 -22.50 -7.30 -5.96
N ARG D 28 -22.13 -6.55 -7.00
CA ARG D 28 -22.45 -5.12 -7.11
CA ARG D 28 -22.49 -5.12 -7.10
C ARG D 28 -23.52 -5.04 -8.20
N ASP D 29 -24.75 -4.71 -7.83
CA ASP D 29 -25.90 -4.78 -8.76
C ASP D 29 -25.97 -6.22 -9.27
N THR D 30 -25.94 -6.44 -10.58
CA THR D 30 -25.95 -7.82 -11.10
C THR D 30 -24.54 -8.34 -11.41
N THR D 31 -23.51 -7.56 -11.14
CA THR D 31 -22.15 -7.99 -11.48
C THR D 31 -21.58 -8.91 -10.41
N PRO D 32 -21.15 -10.15 -10.75
CA PRO D 32 -20.52 -10.97 -9.71
C PRO D 32 -19.09 -10.55 -9.42
N LEU D 33 -18.81 -10.28 -8.14
CA LEU D 33 -17.49 -9.91 -7.69
C LEU D 33 -16.66 -11.13 -7.31
N LEU D 34 -17.33 -12.14 -6.76
CA LEU D 34 -16.79 -13.48 -6.61
C LEU D 34 -17.60 -14.38 -7.48
N ARG D 35 -17.06 -15.53 -7.83
CA ARG D 35 -17.78 -16.53 -8.61
C ARG D 35 -19.09 -16.86 -7.87
N PRO D 36 -20.24 -16.81 -8.54
CA PRO D 36 -21.50 -17.19 -7.84
C PRO D 36 -21.46 -18.67 -7.43
N GLY D 37 -21.89 -18.91 -6.23
CA GLY D 37 -21.88 -20.25 -5.64
C GLY D 37 -23.07 -21.07 -6.12
N LYS D 38 -22.94 -22.38 -6.05
CA LYS D 38 -23.99 -23.26 -6.47
C LYS D 38 -25.04 -23.51 -5.38
N LYS D 39 -24.79 -23.04 -4.16
CA LYS D 39 -25.65 -23.29 -2.98
C LYS D 39 -25.89 -24.79 -2.83
N SER D 40 -24.84 -25.58 -2.99
CA SER D 40 -25.00 -27.05 -3.01
C SER D 40 -24.68 -27.68 -1.68
N GLY D 41 -24.18 -26.91 -0.71
CA GLY D 41 -23.63 -27.49 0.49
C GLY D 41 -22.20 -28.03 0.39
N VAL D 42 -21.57 -27.92 -0.79
CA VAL D 42 -20.19 -28.37 -1.02
C VAL D 42 -19.35 -27.11 -1.16
N ALA D 43 -18.36 -26.96 -0.28
CA ALA D 43 -17.60 -25.71 -0.17
C ALA D 43 -16.87 -25.35 -1.46
N THR D 44 -16.37 -26.35 -2.18
CA THR D 44 -15.63 -26.11 -3.42
C THR D 44 -16.51 -25.69 -4.59
N ASP D 45 -17.82 -25.63 -4.36
CA ASP D 45 -18.80 -25.08 -5.29
C ASP D 45 -19.22 -23.65 -4.94
N ALA D 46 -18.69 -23.13 -3.85
CA ALA D 46 -19.15 -21.83 -3.32
C ALA D 46 -18.34 -20.66 -3.86
N SER D 47 -18.54 -19.47 -3.27
CA SER D 47 -17.75 -18.31 -3.70
C SER D 47 -16.50 -18.11 -2.85
N CYS D 48 -16.50 -18.59 -1.59
CA CYS D 48 -15.34 -18.45 -0.72
C CYS D 48 -15.59 -19.32 0.50
N PHE D 49 -14.58 -19.93 1.04
CA PHE D 49 -14.71 -20.67 2.30
C PHE D 49 -13.59 -20.32 3.28
N PRO D 50 -13.86 -20.40 4.58
CA PRO D 50 -12.89 -20.09 5.58
C PRO D 50 -11.90 -21.22 5.80
N LEU D 51 -10.70 -20.88 6.25
CA LEU D 51 -9.62 -21.82 6.56
C LEU D 51 -9.33 -21.71 8.06
N VAL D 52 -9.72 -22.76 8.80
CA VAL D 52 -9.52 -22.79 10.24
C VAL D 52 -9.53 -24.27 10.67
N PRO D 53 -8.62 -24.69 11.58
CA PRO D 53 -7.62 -23.98 12.38
C PRO D 53 -6.25 -23.82 11.76
N PHE D 54 -6.16 -24.07 10.44
CA PHE D 54 -5.01 -23.67 9.63
C PHE D 54 -5.39 -23.85 8.16
N ALA D 55 -4.53 -23.31 7.30
CA ALA D 55 -4.71 -23.38 5.85
C ALA D 55 -3.87 -24.49 5.22
N ASN D 56 -4.36 -24.99 4.10
CA ASN D 56 -3.64 -25.92 3.25
C ASN D 56 -3.34 -27.25 3.96
N ARG D 57 -2.20 -27.84 3.64
CA ARG D 57 -1.83 -29.22 4.01
C ARG D 57 -0.59 -29.18 4.89
N VAL D 58 -0.45 -30.22 5.71
CA VAL D 58 0.74 -30.45 6.53
C VAL D 58 1.35 -31.74 5.95
N SER D 59 2.46 -31.62 5.26
CA SER D 59 3.01 -32.75 4.58
C SER D 59 3.29 -33.92 5.52
N GLY D 60 2.76 -35.09 5.15
CA GLY D 60 2.88 -36.31 5.96
C GLY D 60 1.72 -36.51 6.93
N ASN D 61 0.84 -35.52 7.02
CA ASN D 61 -0.30 -35.59 7.95
C ASN D 61 0.19 -35.79 9.39
N ARG D 62 1.29 -35.13 9.72
CA ARG D 62 1.81 -35.19 11.08
C ARG D 62 2.68 -33.98 11.36
N PHE D 63 2.85 -33.72 12.65
CA PHE D 63 3.75 -32.68 13.11
C PHE D 63 4.05 -32.90 14.56
N VAL D 64 5.13 -32.27 15.00
CA VAL D 64 5.52 -32.24 16.40
C VAL D 64 5.28 -30.83 16.96
N TRP D 65 4.66 -30.78 18.13
CA TRP D 65 4.48 -29.54 18.91
C TRP D 65 4.78 -29.80 20.39
N GLN D 66 5.72 -29.01 20.93
CA GLN D 66 6.20 -29.13 22.32
C GLN D 66 6.48 -30.58 22.69
N GLY D 67 7.17 -31.27 21.77
CA GLY D 67 7.68 -32.60 22.01
C GLY D 67 6.69 -33.73 21.86
N ARG D 68 5.48 -33.43 21.41
CA ARG D 68 4.46 -34.45 21.21
C ARG D 68 4.15 -34.59 19.73
N GLU D 69 4.07 -35.85 19.27
CA GLU D 69 3.73 -36.12 17.86
C GLU D 69 2.20 -36.18 17.69
N TYR D 70 1.73 -35.42 16.72
CA TYR D 70 0.33 -35.33 16.38
C TYR D 70 0.15 -35.85 14.95
N GLN D 71 -0.94 -36.57 14.70
CA GLN D 71 -1.20 -37.06 13.36
CA GLN D 71 -1.24 -37.13 13.37
C GLN D 71 -2.65 -36.74 12.95
N LEU D 72 -2.78 -36.36 11.68
CA LEU D 72 -4.03 -35.91 11.11
C LEU D 72 -4.54 -37.00 10.15
N GLN D 73 -5.87 -37.14 10.06
CA GLN D 73 -6.45 -38.07 9.08
CA GLN D 73 -6.50 -38.07 9.12
C GLN D 73 -7.06 -37.27 7.96
N PRO D 74 -7.08 -37.85 6.74
CA PRO D 74 -7.70 -37.15 5.65
C PRO D 74 -9.14 -36.73 5.93
N ASN D 75 -9.53 -35.53 5.47
CA ASN D 75 -10.87 -35.01 5.73
C ASN D 75 -11.78 -34.91 4.49
N VAL D 76 -11.19 -35.07 3.32
CA VAL D 76 -11.93 -35.12 2.06
C VAL D 76 -11.50 -36.34 1.27
N GLU D 77 -12.43 -36.91 0.50
CA GLU D 77 -12.21 -38.19 -0.17
CA GLU D 77 -12.17 -38.21 -0.13
C GLU D 77 -11.17 -38.10 -1.26
N TRP D 78 -11.05 -36.91 -1.82
CA TRP D 78 -10.21 -36.64 -2.99
C TRP D 78 -8.77 -36.18 -2.73
N ASP D 79 -8.35 -36.12 -1.47
CA ASP D 79 -6.98 -35.73 -1.11
C ASP D 79 -6.48 -36.66 -0.02
N ALA D 80 -5.26 -37.21 -0.18
CA ALA D 80 -4.65 -37.99 0.91
C ALA D 80 -4.27 -37.15 2.11
N HIS D 81 -4.12 -35.87 1.91
CA HIS D 81 -3.78 -34.97 3.03
C HIS D 81 -5.00 -34.28 3.60
N TYR D 82 -5.00 -34.20 4.92
CA TYR D 82 -5.95 -33.32 5.65
C TYR D 82 -5.76 -31.95 5.07
N LEU D 83 -6.86 -31.27 4.71
CA LEU D 83 -6.79 -30.06 3.97
C LEU D 83 -7.70 -28.96 4.57
N HIS D 84 -7.11 -27.77 4.80
CA HIS D 84 -7.84 -26.52 5.06
C HIS D 84 -8.64 -26.52 6.33
N GLY D 85 -8.30 -27.41 7.26
CA GLY D 85 -8.99 -27.41 8.55
C GLY D 85 -10.37 -28.02 8.48
N ASP D 86 -11.21 -27.68 9.45
CA ASP D 86 -12.55 -28.29 9.53
C ASP D 86 -13.70 -27.34 9.24
N GLY D 87 -13.46 -26.04 9.36
CA GLY D 87 -14.60 -25.09 9.34
C GLY D 87 -15.37 -25.20 8.02
N TRP D 88 -14.62 -25.33 6.91
CA TRP D 88 -15.20 -25.40 5.58
C TRP D 88 -16.07 -26.59 5.37
N LEU D 89 -15.97 -27.61 6.25
CA LEU D 89 -16.76 -28.83 6.12
C LEU D 89 -17.86 -28.95 7.14
N GLY D 90 -17.94 -28.00 8.05
CA GLY D 90 -18.84 -28.11 9.22
C GLY D 90 -20.10 -27.27 9.01
N GLU D 91 -21.10 -27.52 9.83
CA GLU D 91 -22.31 -26.70 9.87
CA GLU D 91 -22.31 -26.70 9.88
C GLU D 91 -22.17 -25.65 10.98
N TRP D 92 -22.35 -24.39 10.59
CA TRP D 92 -22.24 -23.26 11.49
C TRP D 92 -23.62 -22.80 11.95
N GLN D 93 -23.65 -22.07 13.07
CA GLN D 93 -24.89 -21.52 13.60
C GLN D 93 -24.86 -19.99 13.55
N CYS D 94 -26.01 -19.39 13.27
CA CYS D 94 -26.10 -17.93 13.23
C CYS D 94 -26.32 -17.39 14.63
N VAL D 95 -25.51 -16.41 15.02
CA VAL D 95 -25.59 -15.80 16.34
C VAL D 95 -25.92 -14.33 16.27
N SER D 96 -25.90 -13.77 15.08
CA SER D 96 -26.28 -12.38 14.87
C SER D 96 -26.56 -12.14 13.39
N HIS D 97 -27.62 -11.39 13.06
CA HIS D 97 -27.93 -11.05 11.67
C HIS D 97 -28.68 -9.72 11.61
N SER D 98 -28.15 -8.77 10.86
CA SER D 98 -28.87 -7.54 10.56
CA SER D 98 -28.87 -7.55 10.55
C SER D 98 -28.81 -7.29 9.04
N ASP D 99 -29.36 -6.18 8.57
CA ASP D 99 -29.37 -5.93 7.12
C ASP D 99 -28.00 -5.93 6.45
N ASP D 100 -26.97 -5.49 7.19
CA ASP D 100 -25.62 -5.39 6.67
C ASP D 100 -24.54 -6.12 7.48
N SER D 101 -24.93 -7.06 8.35
CA SER D 101 -23.99 -7.76 9.18
C SER D 101 -24.49 -9.18 9.48
N LEU D 102 -23.55 -10.09 9.74
CA LEU D 102 -23.87 -11.48 10.06
C LEU D 102 -22.73 -12.04 10.87
N CYS D 103 -23.01 -12.89 11.83
CA CYS D 103 -21.99 -13.62 12.56
C CYS D 103 -22.42 -15.09 12.70
N LEU D 104 -21.52 -15.98 12.25
CA LEU D 104 -21.73 -17.42 12.33
C LEU D 104 -20.69 -18.02 13.26
N VAL D 105 -21.06 -19.07 13.96
CA VAL D 105 -20.18 -19.77 14.89
CA VAL D 105 -20.10 -19.74 14.83
C VAL D 105 -20.07 -21.25 14.55
N TYR D 106 -18.91 -21.85 14.78
CA TYR D 106 -18.69 -23.30 14.59
C TYR D 106 -17.82 -23.78 15.74
N GLU D 107 -18.20 -24.90 16.36
CA GLU D 107 -17.42 -25.46 17.46
CA GLU D 107 -17.41 -25.46 17.45
C GLU D 107 -16.99 -26.86 17.02
N HIS D 108 -15.72 -27.16 17.20
CA HIS D 108 -15.18 -28.46 16.81
C HIS D 108 -14.59 -29.17 18.00
N ARG D 109 -15.01 -30.44 18.19
CA ARG D 109 -14.61 -31.25 19.35
CA ARG D 109 -14.62 -31.23 19.36
C ARG D 109 -14.16 -32.65 18.98
N SER D 110 -13.50 -32.78 17.85
CA SER D 110 -12.94 -34.04 17.46
C SER D 110 -11.61 -33.84 16.78
N GLY D 111 -10.89 -34.92 16.51
CA GLY D 111 -9.59 -34.78 15.87
C GLY D 111 -8.54 -34.10 16.74
N VAL D 112 -7.55 -33.44 16.11
CA VAL D 112 -6.37 -33.00 16.84
C VAL D 112 -6.64 -31.66 17.54
N TYR D 113 -7.34 -30.77 16.84
CA TYR D 113 -7.62 -29.44 17.36
C TYR D 113 -9.08 -29.38 17.82
N HIS D 114 -9.26 -28.86 19.03
CA HIS D 114 -10.62 -28.51 19.53
C HIS D 114 -10.67 -26.99 19.67
N TYR D 115 -11.72 -26.38 19.17
CA TYR D 115 -11.80 -24.94 19.13
C TYR D 115 -13.22 -24.43 18.85
N ARG D 116 -13.42 -23.15 19.16
CA ARG D 116 -14.60 -22.43 18.70
CA ARG D 116 -14.58 -22.37 18.80
C ARG D 116 -14.10 -21.35 17.77
N VAL D 117 -14.82 -21.16 16.65
CA VAL D 117 -14.51 -20.10 15.69
C VAL D 117 -15.74 -19.29 15.29
N SER D 118 -15.57 -17.97 15.25
CA SER D 118 -16.62 -17.05 14.86
CA SER D 118 -16.63 -17.05 14.85
C SER D 118 -16.22 -16.40 13.56
N GLN D 119 -17.14 -16.29 12.61
CA GLN D 119 -16.83 -15.63 11.39
C GLN D 119 -17.84 -14.50 11.20
N ALA D 120 -17.36 -13.26 11.21
CA ALA D 120 -18.24 -12.11 11.15
C ALA D 120 -18.12 -11.42 9.81
N PHE D 121 -19.25 -11.01 9.26
CA PHE D 121 -19.28 -10.34 7.96
C PHE D 121 -19.93 -8.98 8.15
N HIS D 122 -19.49 -7.96 7.39
CA HIS D 122 -20.07 -6.62 7.44
C HIS D 122 -19.91 -5.95 6.09
N LEU D 123 -20.98 -5.33 5.61
CA LEU D 123 -20.94 -4.58 4.36
C LEU D 123 -21.10 -3.09 4.62
N THR D 124 -20.29 -2.31 3.92
CA THR D 124 -20.53 -0.87 3.76
C THR D 124 -20.88 -0.68 2.29
N ALA D 125 -20.94 0.56 1.81
CA ALA D 125 -21.34 0.82 0.43
C ALA D 125 -20.38 0.24 -0.59
N ASP D 126 -19.10 0.07 -0.24
CA ASP D 126 -18.13 -0.43 -1.19
C ASP D 126 -17.23 -1.54 -0.63
N THR D 127 -17.40 -1.94 0.61
CA THR D 127 -16.47 -2.88 1.24
C THR D 127 -17.17 -4.01 2.02
N LEU D 128 -16.74 -5.23 1.78
CA LEU D 128 -16.98 -6.40 2.61
C LEU D 128 -15.82 -6.62 3.57
N THR D 129 -16.11 -6.74 4.85
CA THR D 129 -15.10 -7.07 5.83
C THR D 129 -15.45 -8.38 6.48
N VAL D 130 -14.54 -9.33 6.52
CA VAL D 130 -14.79 -10.65 7.11
C VAL D 130 -13.73 -10.87 8.19
N THR D 131 -14.14 -11.35 9.37
CA THR D 131 -13.19 -11.66 10.45
CA THR D 131 -13.22 -11.60 10.48
C THR D 131 -13.38 -13.06 10.95
N LEU D 132 -12.25 -13.74 11.24
CA LEU D 132 -12.24 -15.06 11.82
C LEU D 132 -11.58 -14.90 13.17
N SER D 133 -12.28 -15.34 14.20
CA SER D 133 -11.76 -15.33 15.57
CA SER D 133 -11.73 -15.32 15.54
C SER D 133 -11.83 -16.76 16.09
N VAL D 134 -10.67 -17.31 16.45
CA VAL D 134 -10.60 -18.71 16.91
C VAL D 134 -10.04 -18.80 18.33
N THR D 135 -10.65 -19.66 19.15
CA THR D 135 -10.26 -19.87 20.52
C THR D 135 -9.94 -21.34 20.74
N ASN D 136 -8.79 -21.63 21.33
CA ASN D 136 -8.41 -23.01 21.63
C ASN D 136 -9.30 -23.53 22.80
N GLN D 137 -10.02 -24.65 22.57
CA GLN D 137 -10.79 -25.33 23.61
C GLN D 137 -10.24 -26.71 23.92
N GLY D 138 -9.03 -27.01 23.49
CA GLY D 138 -8.39 -28.29 23.79
C GLY D 138 -7.61 -28.30 25.09
N ALA D 139 -7.02 -29.45 25.40
CA ALA D 139 -6.28 -29.59 26.66
C ALA D 139 -4.84 -29.05 26.60
N GLU D 140 -4.34 -28.81 25.40
CA GLU D 140 -2.95 -28.43 25.21
C GLU D 140 -2.80 -27.25 24.24
N THR D 141 -1.74 -26.48 24.43
CA THR D 141 -1.35 -25.46 23.48
C THR D 141 -1.07 -26.05 22.09
N LEU D 142 -1.53 -25.37 21.04
CA LEU D 142 -1.32 -25.82 19.65
C LEU D 142 -1.15 -24.59 18.79
N PRO D 143 -0.54 -24.75 17.62
CA PRO D 143 -0.33 -23.64 16.69
C PRO D 143 -1.49 -23.48 15.68
N PHE D 144 -2.06 -22.28 15.63
CA PHE D 144 -3.27 -22.00 14.87
C PHE D 144 -2.95 -20.97 13.76
N GLY D 145 -3.73 -21.09 12.71
CA GLY D 145 -3.74 -20.13 11.62
C GLY D 145 -5.15 -19.97 11.08
N THR D 146 -5.30 -18.98 10.22
CA THR D 146 -6.57 -18.65 9.61
C THR D 146 -6.32 -18.12 8.18
N GLY D 147 -7.37 -18.16 7.38
CA GLY D 147 -7.31 -17.60 6.04
C GLY D 147 -8.66 -17.80 5.37
N TRP D 148 -8.71 -17.46 4.08
CA TRP D 148 -9.91 -17.63 3.31
C TRP D 148 -9.48 -18.13 1.91
N HIS D 149 -10.43 -18.74 1.23
CA HIS D 149 -10.27 -19.28 -0.10
C HIS D 149 -11.31 -18.74 -1.05
N PRO D 150 -11.14 -17.48 -1.50
CA PRO D 150 -12.11 -16.95 -2.40
C PRO D 150 -11.91 -17.39 -3.85
N TYR D 151 -13.00 -17.54 -4.55
CA TYR D 151 -13.02 -17.83 -5.99
C TYR D 151 -13.43 -16.56 -6.74
N PHE D 152 -12.55 -16.04 -7.59
CA PHE D 152 -12.83 -14.84 -8.34
C PHE D 152 -13.13 -15.22 -9.79
N PRO D 153 -13.99 -14.46 -10.46
CA PRO D 153 -14.18 -14.71 -11.86
C PRO D 153 -12.87 -14.46 -12.64
N LEU D 154 -12.64 -15.24 -13.66
CA LEU D 154 -11.43 -15.13 -14.49
C LEU D 154 -11.84 -14.95 -15.91
N SER D 155 -11.21 -13.97 -16.57
CA SER D 155 -11.30 -13.85 -18.02
C SER D 155 -9.89 -13.48 -18.50
N PRO D 156 -9.65 -13.45 -19.82
CA PRO D 156 -8.30 -13.08 -20.26
C PRO D 156 -7.86 -11.63 -19.89
N GLN D 157 -8.82 -10.77 -19.55
CA GLN D 157 -8.54 -9.40 -19.14
C GLN D 157 -8.16 -9.21 -17.70
N THR D 158 -8.44 -10.22 -16.85
CA THR D 158 -8.17 -10.15 -15.43
C THR D 158 -6.67 -9.97 -15.19
N ARG D 159 -6.32 -9.07 -14.28
CA ARG D 159 -4.93 -8.78 -13.94
C ARG D 159 -4.91 -8.78 -12.43
N ILE D 160 -3.90 -9.41 -11.84
CA ILE D 160 -3.74 -9.40 -10.41
C ILE D 160 -2.38 -8.83 -9.99
N GLN D 161 -2.34 -8.24 -8.79
CA GLN D 161 -1.13 -7.74 -8.21
CA GLN D 161 -1.12 -7.71 -8.20
C GLN D 161 -1.09 -8.10 -6.72
N ALA D 162 0.00 -8.72 -6.30
CA ALA D 162 0.20 -9.18 -4.95
C ALA D 162 1.72 -9.40 -4.73
N GLN D 163 2.31 -8.54 -3.91
CA GLN D 163 3.75 -8.54 -3.64
C GLN D 163 4.22 -9.91 -3.21
N ALA D 164 5.33 -10.36 -3.78
CA ALA D 164 5.95 -11.61 -3.37
C ALA D 164 7.46 -11.53 -3.59
N SER D 165 8.19 -12.13 -2.64
CA SER D 165 9.66 -12.25 -2.69
C SER D 165 10.14 -13.64 -3.08
N GLY D 166 9.23 -14.57 -3.29
CA GLY D 166 9.64 -15.94 -3.59
C GLY D 166 8.40 -16.80 -3.60
N TYR D 167 8.56 -18.05 -4.03
CA TYR D 167 7.43 -18.97 -4.09
C TYR D 167 7.88 -20.38 -3.84
N TRP D 168 6.92 -21.26 -3.50
CA TRP D 168 7.25 -22.66 -3.41
C TRP D 168 6.82 -23.36 -4.68
N LEU D 169 7.73 -24.14 -5.25
CA LEU D 169 7.41 -24.99 -6.43
C LEU D 169 6.38 -26.05 -5.95
N GLU D 170 5.48 -26.47 -6.83
CA GLU D 170 4.56 -27.53 -6.51
C GLU D 170 5.29 -28.86 -6.72
N ARG D 171 5.15 -29.77 -5.77
CA ARG D 171 5.67 -31.12 -5.91
C ARG D 171 4.53 -32.12 -5.94
N GLU D 172 4.84 -33.40 -5.72
CA GLU D 172 3.85 -34.43 -5.77
C GLU D 172 2.74 -34.22 -4.70
N GLN D 173 1.59 -34.84 -4.92
CA GLN D 173 0.49 -34.81 -3.93
C GLN D 173 -0.08 -33.42 -3.64
N TRP D 174 0.13 -32.51 -4.61
CA TRP D 174 -0.28 -31.10 -4.54
C TRP D 174 0.36 -30.34 -3.42
N LEU D 175 1.52 -30.81 -2.93
CA LEU D 175 2.16 -30.17 -1.80
C LEU D 175 3.11 -29.07 -2.26
N ALA D 176 3.31 -28.08 -1.39
CA ALA D 176 4.41 -27.11 -1.55
C ALA D 176 5.78 -27.83 -1.48
N GLY D 177 6.65 -27.55 -2.44
CA GLY D 177 8.00 -28.10 -2.47
C GLY D 177 9.10 -27.11 -2.11
N GLU D 178 10.10 -27.02 -2.98
CA GLU D 178 11.31 -26.29 -2.72
C GLU D 178 10.99 -24.81 -2.82
N PHE D 179 11.54 -24.02 -1.91
CA PHE D 179 11.39 -22.58 -2.00
C PHE D 179 12.37 -22.00 -3.04
N CYS D 180 11.90 -21.04 -3.83
CA CYS D 180 12.69 -20.38 -4.83
C CYS D 180 12.48 -18.86 -4.74
N GLU D 181 13.58 -18.14 -4.60
CA GLU D 181 13.55 -16.68 -4.54
C GLU D 181 13.41 -16.00 -5.93
N GLN D 182 13.54 -16.75 -7.03
CA GLN D 182 13.36 -16.20 -8.38
CA GLN D 182 13.34 -16.16 -8.36
C GLN D 182 11.98 -16.59 -8.92
N LEU D 183 11.05 -15.64 -8.99
CA LEU D 183 9.73 -15.88 -9.55
C LEU D 183 9.80 -16.05 -11.06
N PRO D 184 9.19 -17.13 -11.59
CA PRO D 184 9.07 -17.20 -13.06
C PRO D 184 8.26 -15.98 -13.51
N GLN D 185 8.51 -15.49 -14.72
CA GLN D 185 7.78 -14.33 -15.26
CA GLN D 185 7.81 -14.33 -15.29
C GLN D 185 6.26 -14.53 -15.16
N GLU D 186 5.79 -15.73 -15.50
CA GLU D 186 4.36 -16.05 -15.50
CA GLU D 186 4.36 -16.11 -15.49
C GLU D 186 3.73 -16.05 -14.10
N LEU D 187 4.51 -16.22 -13.05
CA LEU D 187 4.01 -16.22 -11.70
C LEU D 187 4.48 -15.01 -10.87
N ASP D 188 4.88 -13.94 -11.53
CA ASP D 188 5.39 -12.74 -10.84
C ASP D 188 4.26 -11.72 -10.84
N PHE D 189 3.64 -11.55 -9.68
CA PHE D 189 2.51 -10.61 -9.56
C PHE D 189 2.89 -9.36 -8.76
N ASN D 190 4.18 -9.03 -8.75
CA ASN D 190 4.59 -7.79 -8.13
C ASN D 190 4.01 -6.58 -8.89
N GLN D 191 3.92 -6.72 -10.22
CA GLN D 191 3.18 -5.73 -11.02
CA GLN D 191 3.29 -5.74 -11.09
C GLN D 191 2.01 -6.42 -11.68
N PRO D 192 0.97 -5.66 -12.05
CA PRO D 192 -0.27 -6.35 -12.50
C PRO D 192 0.01 -7.29 -13.67
N ALA D 193 -0.45 -8.52 -13.56
CA ALA D 193 -0.13 -9.54 -14.51
C ALA D 193 -1.37 -10.43 -14.69
N PRO D 194 -1.55 -11.00 -15.89
CA PRO D 194 -2.63 -11.97 -16.11
C PRO D 194 -2.37 -13.28 -15.43
N LEU D 195 -3.43 -14.05 -15.21
CA LEU D 195 -3.24 -15.42 -14.72
C LEU D 195 -2.76 -16.30 -15.86
N PRO D 196 -1.79 -17.21 -15.56
CA PRO D 196 -1.44 -18.18 -16.59
C PRO D 196 -2.65 -19.03 -17.00
N ARG D 197 -2.69 -19.43 -18.26
CA ARG D 197 -3.78 -20.26 -18.74
C ARG D 197 -3.39 -21.75 -18.72
N GLN D 198 -3.03 -22.19 -17.54
CA GLN D 198 -2.62 -23.52 -17.23
C GLN D 198 -2.74 -23.71 -15.73
N TRP D 199 -2.56 -24.95 -15.29
CA TRP D 199 -2.68 -25.32 -13.89
C TRP D 199 -1.70 -24.51 -13.08
N VAL D 200 -2.19 -23.89 -12.04
CA VAL D 200 -1.35 -23.23 -11.05
C VAL D 200 -1.85 -23.67 -9.70
N ASN D 201 -0.92 -24.11 -8.84
CA ASN D 201 -1.22 -24.45 -7.44
C ASN D 201 0.03 -24.14 -6.61
N ASN D 202 0.22 -22.88 -6.26
CA ASN D 202 1.48 -22.40 -5.70
C ASN D 202 1.28 -21.36 -4.61
N GLY D 203 2.08 -21.50 -3.56
CA GLY D 203 2.17 -20.52 -2.48
C GLY D 203 3.32 -19.54 -2.69
N PHE D 204 3.14 -18.33 -2.18
CA PHE D 204 4.01 -17.19 -2.38
C PHE D 204 4.32 -16.59 -1.01
N ALA D 205 5.56 -16.17 -0.82
CA ALA D 205 5.99 -15.57 0.46
C ALA D 205 6.38 -14.13 0.23
N GLY D 206 6.62 -13.40 1.32
CA GLY D 206 7.01 -12.00 1.27
C GLY D 206 5.87 -11.07 0.92
N TRP D 207 4.66 -11.51 1.19
CA TRP D 207 3.48 -10.70 0.90
C TRP D 207 3.32 -9.61 1.95
N ASN D 208 2.79 -8.48 1.52
CA ASN D 208 2.42 -7.40 2.44
C ASN D 208 0.93 -7.45 2.88
N GLY D 209 0.24 -8.53 2.53
CA GLY D 209 -1.16 -8.68 2.87
C GLY D 209 -2.15 -7.86 2.06
N GLN D 210 -1.72 -7.24 0.96
CA GLN D 210 -2.59 -6.42 0.15
C GLN D 210 -2.53 -6.94 -1.23
N ALA D 211 -3.69 -7.00 -1.91
CA ALA D 211 -3.73 -7.40 -3.32
C ALA D 211 -4.75 -6.62 -4.13
N ARG D 212 -4.58 -6.64 -5.44
CA ARG D 212 -5.47 -5.92 -6.32
C ARG D 212 -5.89 -6.92 -7.41
N ILE D 213 -7.18 -6.99 -7.68
CA ILE D 213 -7.73 -7.81 -8.75
C ILE D 213 -8.52 -6.92 -9.68
N GLU D 214 -8.01 -6.74 -10.89
CA GLU D 214 -8.54 -5.79 -11.82
C GLU D 214 -9.38 -6.56 -12.82
N GLN D 215 -10.59 -6.07 -13.09
CA GLN D 215 -11.46 -6.64 -14.14
C GLN D 215 -11.85 -5.55 -15.10
N PRO D 216 -10.97 -5.24 -16.06
CA PRO D 216 -11.23 -4.10 -16.94
C PRO D 216 -12.39 -4.22 -17.94
N GLN D 217 -12.70 -5.43 -18.36
N GLN D 217 -12.73 -5.42 -18.41
CA GLN D 217 -13.82 -5.69 -19.24
CA GLN D 217 -13.87 -5.55 -19.33
C GLN D 217 -15.14 -5.18 -18.61
C GLN D 217 -15.16 -5.10 -18.61
N GLU D 218 -15.19 -5.29 -17.30
CA GLU D 218 -16.32 -4.92 -16.44
C GLU D 218 -16.18 -3.52 -15.82
N GLY D 219 -14.97 -2.98 -15.89
CA GLY D 219 -14.65 -1.65 -15.43
C GLY D 219 -14.41 -1.43 -13.95
N TYR D 220 -14.09 -2.48 -13.20
CA TYR D 220 -13.85 -2.34 -11.75
C TYR D 220 -12.60 -3.11 -11.28
N ALA D 221 -12.17 -2.83 -10.04
CA ALA D 221 -11.13 -3.60 -9.37
C ALA D 221 -11.54 -3.90 -7.94
N ILE D 222 -11.03 -5.00 -7.41
CA ILE D 222 -11.21 -5.39 -6.00
C ILE D 222 -9.87 -5.24 -5.31
N ILE D 223 -9.90 -4.52 -4.19
CA ILE D 223 -8.72 -4.30 -3.38
CA ILE D 223 -8.73 -4.27 -3.39
C ILE D 223 -8.89 -5.15 -2.16
N MSE D 224 -7.97 -6.09 -1.97
CA MSE D 224 -7.94 -6.98 -0.80
C MSE D 224 -6.91 -6.47 0.23
O MSE D 224 -5.76 -6.14 -0.10
CB MSE D 224 -7.63 -8.42 -1.20
CG MSE D 224 -7.51 -9.38 -0.03
SE MSE D 224 -6.78 -11.12 -0.54
CE MSE D 224 -8.35 -11.88 -1.46
N GLU D 225 -7.35 -6.37 1.49
CA GLU D 225 -6.47 -5.99 2.59
C GLU D 225 -6.66 -6.97 3.72
N THR D 226 -5.58 -7.28 4.43
CA THR D 226 -5.67 -8.18 5.58
C THR D 226 -5.10 -7.46 6.79
N THR D 227 -5.68 -7.79 7.96
CA THR D 227 -5.25 -7.21 9.25
C THR D 227 -5.29 -8.33 10.32
N PRO D 228 -4.14 -8.68 10.93
CA PRO D 228 -2.80 -8.17 10.58
C PRO D 228 -2.45 -8.59 9.14
N PRO D 229 -1.45 -7.95 8.55
CA PRO D 229 -1.09 -8.24 7.15
C PRO D 229 -0.65 -9.68 6.98
N ALA D 230 -1.37 -10.45 6.16
CA ALA D 230 -1.02 -11.84 5.90
C ALA D 230 0.34 -11.97 5.18
N PRO D 231 1.16 -12.95 5.59
CA PRO D 231 2.51 -13.06 5.01
C PRO D 231 2.61 -13.89 3.72
N CYS D 232 1.57 -14.67 3.43
CA CYS D 232 1.55 -15.58 2.29
CA CYS D 232 1.55 -15.59 2.30
C CYS D 232 0.19 -15.65 1.59
N TYR D 233 0.24 -15.93 0.29
CA TYR D 233 -0.97 -16.20 -0.50
C TYR D 233 -0.71 -17.42 -1.36
N PHE D 234 -1.77 -18.16 -1.63
CA PHE D 234 -1.76 -19.17 -2.68
C PHE D 234 -2.55 -18.69 -3.89
N ILE D 235 -2.13 -19.13 -5.08
CA ILE D 235 -2.88 -18.97 -6.32
C ILE D 235 -3.31 -20.33 -6.83
N PHE D 236 -4.58 -20.43 -7.25
CA PHE D 236 -5.10 -21.60 -7.90
C PHE D 236 -5.77 -21.26 -9.22
N VAL D 237 -5.31 -21.94 -10.27
CA VAL D 237 -5.90 -21.94 -11.60
C VAL D 237 -6.03 -23.40 -11.96
N SER D 238 -7.21 -23.82 -12.37
CA SER D 238 -7.42 -25.22 -12.67
C SER D 238 -7.04 -25.57 -14.13
N ASP D 239 -7.38 -26.77 -14.59
CA ASP D 239 -7.00 -27.19 -15.93
C ASP D 239 -8.15 -28.10 -16.41
N PRO D 240 -8.60 -27.94 -17.68
CA PRO D 240 -9.70 -28.72 -18.28
C PRO D 240 -9.50 -30.23 -18.22
N ALA D 241 -8.24 -30.65 -18.37
CA ALA D 241 -7.84 -32.06 -18.17
C ALA D 241 -8.02 -32.66 -16.72
N PHE D 242 -8.13 -31.85 -15.66
CA PHE D 242 -8.37 -32.31 -14.24
C PHE D 242 -9.79 -32.02 -13.75
N ASP D 243 -10.53 -31.21 -14.50
CA ASP D 243 -11.92 -30.83 -14.17
C ASP D 243 -12.61 -30.50 -15.50
N LYS D 244 -13.36 -31.48 -16.03
CA LYS D 244 -13.94 -31.39 -17.38
C LYS D 244 -14.83 -30.15 -17.55
N GLY D 245 -15.50 -29.72 -16.49
CA GLY D 245 -16.27 -28.47 -16.56
C GLY D 245 -15.46 -27.18 -16.81
N TYR D 246 -14.18 -27.19 -16.47
CA TYR D 246 -13.42 -25.94 -16.36
C TYR D 246 -13.00 -25.31 -17.68
N ALA D 247 -13.29 -24.02 -17.82
CA ALA D 247 -12.84 -23.26 -19.02
C ALA D 247 -12.17 -21.92 -18.61
N PHE D 248 -11.28 -21.97 -17.61
CA PHE D 248 -10.55 -20.78 -17.15
C PHE D 248 -11.49 -19.64 -16.79
N ASP D 249 -12.58 -19.99 -16.08
CA ASP D 249 -13.66 -19.05 -15.71
C ASP D 249 -13.59 -18.61 -14.27
N PHE D 250 -12.69 -19.20 -13.50
CA PHE D 250 -12.39 -18.71 -12.16
C PHE D 250 -10.93 -18.96 -11.77
N PHE D 251 -10.48 -18.23 -10.78
CA PHE D 251 -9.19 -18.49 -10.11
C PHE D 251 -9.35 -18.21 -8.64
N CYS D 252 -8.40 -18.65 -7.84
CA CYS D 252 -8.41 -18.32 -6.42
C CYS D 252 -7.16 -17.59 -6.02
N LEU D 253 -7.29 -16.60 -5.13
CA LEU D 253 -6.16 -15.92 -4.51
C LEU D 253 -6.47 -16.04 -3.04
N GLU D 254 -5.68 -16.84 -2.31
CA GLU D 254 -6.05 -17.33 -0.95
C GLU D 254 -5.14 -16.74 0.10
N PRO D 255 -5.63 -15.77 0.88
CA PRO D 255 -4.80 -15.19 1.88
C PRO D 255 -4.66 -16.12 3.09
N MSE D 256 -3.44 -16.28 3.56
CA MSE D 256 -3.19 -17.17 4.70
C MSE D 256 -2.38 -16.44 5.76
O MSE D 256 -1.45 -15.66 5.41
CB MSE D 256 -2.45 -18.42 4.20
CG MSE D 256 -3.16 -19.23 3.17
SE MSE D 256 -1.80 -20.37 2.42
CE MSE D 256 -0.75 -20.85 3.88
N SER D 257 -2.67 -16.70 7.03
CA SER D 257 -1.95 -16.07 8.13
C SER D 257 -0.55 -16.69 8.37
N HIS D 258 -0.24 -17.75 7.64
CA HIS D 258 1.01 -18.47 7.83
C HIS D 258 1.47 -19.04 6.50
N ALA D 259 2.66 -19.64 6.46
CA ALA D 259 3.15 -20.27 5.23
C ALA D 259 2.74 -21.73 5.20
N PRO D 260 2.67 -22.34 4.01
CA PRO D 260 2.41 -23.76 3.96
C PRO D 260 3.54 -24.54 4.68
N ASP D 261 3.13 -25.56 5.43
CA ASP D 261 4.08 -26.41 6.18
C ASP D 261 4.79 -25.63 7.32
N ASP D 262 4.17 -24.55 7.83
CA ASP D 262 4.72 -23.91 9.00
C ASP D 262 4.77 -24.80 10.24
N HIS D 263 3.90 -25.82 10.28
CA HIS D 263 3.94 -26.79 11.35
C HIS D 263 5.30 -27.48 11.43
N HIS D 264 6.08 -27.47 10.33
CA HIS D 264 7.42 -28.11 10.34
CA HIS D 264 7.41 -28.11 10.32
C HIS D 264 8.58 -27.15 10.63
N ARG D 265 8.28 -25.86 10.79
CA ARG D 265 9.32 -24.85 11.01
C ARG D 265 9.49 -24.56 12.49
N PRO D 266 10.65 -23.94 12.85
CA PRO D 266 10.90 -23.58 14.26
C PRO D 266 9.83 -22.68 14.84
N GLU D 267 9.33 -23.09 15.99
CA GLU D 267 8.28 -22.40 16.72
C GLU D 267 7.01 -22.21 15.88
N GLY D 268 6.82 -23.09 14.89
CA GLY D 268 5.64 -23.04 14.04
C GLY D 268 5.60 -21.89 13.04
N GLY D 269 6.75 -21.29 12.73
CA GLY D 269 6.79 -20.17 11.78
C GLY D 269 5.81 -19.06 12.15
N ASP D 270 4.85 -18.77 11.27
CA ASP D 270 3.90 -17.68 11.50
C ASP D 270 2.59 -18.19 12.09
N LEU D 271 2.50 -19.49 12.41
CA LEU D 271 1.34 -19.96 13.22
C LEU D 271 1.37 -19.33 14.59
N ILE D 272 0.20 -19.25 15.24
CA ILE D 272 0.09 -18.59 16.53
C ILE D 272 -0.17 -19.64 17.57
N ALA D 273 0.70 -19.70 18.58
CA ALA D 273 0.57 -20.69 19.67
C ALA D 273 -0.54 -20.20 20.60
N LEU D 274 -1.66 -20.89 20.65
CA LEU D 274 -2.76 -20.58 21.56
C LEU D 274 -2.83 -21.59 22.69
N ALA D 275 -2.67 -21.13 23.93
CA ALA D 275 -2.89 -21.97 25.09
C ALA D 275 -4.42 -22.20 25.19
N PRO D 276 -4.82 -23.26 25.91
CA PRO D 276 -6.24 -23.45 26.14
C PRO D 276 -6.90 -22.14 26.65
N GLY D 277 -8.02 -21.79 26.03
CA GLY D 277 -8.75 -20.57 26.39
C GLY D 277 -8.27 -19.29 25.72
N GLU D 278 -7.16 -19.33 24.98
CA GLU D 278 -6.68 -18.16 24.24
C GLU D 278 -7.18 -18.12 22.80
N SER D 279 -7.20 -16.90 22.26
CA SER D 279 -7.77 -16.63 20.97
C SER D 279 -6.87 -15.81 20.08
N THR D 280 -7.14 -15.88 18.78
CA THR D 280 -6.54 -14.98 17.81
C THR D 280 -7.57 -14.64 16.74
N THR D 281 -7.37 -13.49 16.12
CA THR D 281 -8.30 -12.96 15.12
C THR D 281 -7.53 -12.54 13.88
N SER D 282 -8.21 -12.69 12.76
CA SER D 282 -7.70 -12.20 11.50
C SER D 282 -8.85 -11.59 10.72
N GLU D 283 -8.52 -10.66 9.82
CA GLU D 283 -9.51 -9.95 9.04
C GLU D 283 -9.09 -9.89 7.59
N MSE D 284 -10.06 -10.04 6.68
CA MSE D 284 -9.87 -9.79 5.25
C MSE D 284 -10.92 -8.75 4.86
O MSE D 284 -12.12 -8.92 5.21
CB MSE D 284 -10.12 -11.06 4.40
CG MSE D 284 -10.16 -10.83 2.84
SE MSE D 284 -10.43 -12.45 1.84
CE MSE D 284 -12.23 -12.79 2.33
N SER D 285 -10.52 -7.77 4.08
CA SER D 285 -11.49 -6.85 3.49
C SER D 285 -11.36 -6.90 1.96
N LEU D 286 -12.51 -6.81 1.30
CA LEU D 286 -12.61 -6.67 -0.16
C LEU D 286 -13.36 -5.40 -0.49
N ARG D 287 -12.69 -4.45 -1.14
CA ARG D 287 -13.28 -3.17 -1.49
C ARG D 287 -13.36 -3.06 -3.00
N VAL D 288 -14.53 -2.68 -3.50
CA VAL D 288 -14.73 -2.53 -4.92
C VAL D 288 -14.60 -1.05 -5.32
N GLU D 289 -13.86 -0.81 -6.40
CA GLU D 289 -13.72 0.54 -6.93
C GLU D 289 -13.82 0.55 -8.47
N TRP D 290 -14.18 1.69 -9.02
CA TRP D 290 -14.19 1.81 -10.47
C TRP D 290 -12.76 1.92 -10.97
N LEU D 291 -12.52 1.37 -12.15
CA LEU D 291 -11.32 1.72 -12.90
C LEU D 291 -11.59 3.05 -13.58
C1 PEG E . 27.08 10.70 -10.51
O1 PEG E . 27.66 11.44 -9.42
C2 PEG E . 27.82 9.40 -10.66
O2 PEG E . 27.41 8.55 -9.60
C3 PEG E . 28.25 7.38 -9.44
C4 PEG E . 29.64 7.70 -8.82
O4 PEG E . 29.99 6.93 -7.64
C1 PEG F . 15.56 38.86 -1.59
O1 PEG F . 15.80 38.69 -3.00
C2 PEG F . 14.08 39.17 -1.42
O2 PEG F . 13.29 38.56 -2.47
C3 PEG F . 11.91 39.01 -2.50
C4 PEG F . 11.76 40.48 -2.83
O4 PEG F . 10.85 40.73 -3.91
C1 PEG G . 0.43 1.71 -24.14
O1 PEG G . -0.47 2.80 -24.32
C2 PEG G . 0.17 1.21 -22.74
O2 PEG G . 0.87 -0.02 -22.50
C3 PEG G . 1.24 -0.26 -21.12
C4 PEG G . 0.23 -1.15 -20.40
O4 PEG G . -0.74 -0.33 -19.73
C1 PEG H . 6.62 28.54 -11.53
O1 PEG H . 6.49 29.85 -12.13
C2 PEG H . 5.28 28.02 -11.01
O2 PEG H . 5.55 26.93 -10.05
C3 PEG H . 4.72 27.02 -8.87
C4 PEG H . 3.95 25.77 -8.38
O4 PEG H . 2.54 26.00 -8.03
C1 PEG I . 8.45 26.09 -7.68
O1 PEG I . 7.20 25.34 -7.57
C2 PEG I . 8.84 26.58 -9.11
O2 PEG I . 8.79 25.56 -10.14
C3 PEG I . 9.97 24.71 -10.32
C4 PEG I . 11.28 25.43 -10.67
O4 PEG I . 11.86 25.10 -11.95
C1 PEG J . 6.00 38.54 15.91
O1 PEG J . 4.82 39.35 15.72
C2 PEG J . 6.11 37.48 14.83
O2 PEG J . 5.28 36.35 15.12
C3 PEG J . 6.00 35.14 15.54
C4 PEG J . 5.82 35.05 17.06
O4 PEG J . 4.96 33.96 17.38
C1 PEG K . -15.59 74.43 -19.18
O1 PEG K . -16.47 73.67 -20.04
C2 PEG K . -15.89 75.91 -19.06
O2 PEG K . -17.08 76.07 -18.29
C3 PEG K . -17.70 77.39 -18.21
C4 PEG K . -18.43 77.86 -19.48
O4 PEG K . -19.88 77.68 -19.46
C1 PEG L . -17.71 79.63 -5.01
O1 PEG L . -17.18 78.37 -5.46
C2 PEG L . -18.71 79.41 -3.87
O2 PEG L . -20.02 79.90 -4.17
C3 PEG L . -21.03 78.88 -4.33
C4 PEG L . -22.16 79.25 -5.31
O4 PEG L . -22.26 78.26 -6.38
C1 PEG M . -5.80 41.62 -17.56
O1 PEG M . -4.41 41.42 -17.86
C2 PEG M . -6.43 42.33 -18.73
O2 PEG M . -7.70 42.84 -18.31
C3 PEG M . -8.19 43.89 -19.14
C4 PEG M . -9.05 43.33 -20.26
O4 PEG M . -8.78 44.04 -21.48
C1 PEG N . -2.44 52.44 -7.77
O1 PEG N . -2.52 53.38 -8.83
C2 PEG N . -3.34 52.90 -6.64
O2 PEG N . -4.75 52.77 -6.93
C3 PEG N . -5.52 53.60 -6.08
C4 PEG N . -6.96 53.09 -6.08
O4 PEG N . -7.79 53.92 -5.22
C1 PEG O . 9.92 -44.77 -11.83
O1 PEG O . 10.31 -46.10 -12.13
C2 PEG O . 9.01 -44.83 -10.58
O2 PEG O . 9.19 -43.62 -9.89
C3 PEG O . 8.04 -43.09 -9.24
C4 PEG O . 7.08 -42.37 -10.17
O4 PEG O . 5.71 -42.71 -9.88
C1 PEG P . 17.66 -75.19 -6.06
O1 PEG P . 18.38 -74.19 -6.82
C2 PEG P . 18.04 -75.02 -4.60
O2 PEG P . 18.75 -76.13 -4.03
C3 PEG P . 20.02 -76.29 -4.62
C4 PEG P . 20.81 -77.31 -3.86
O4 PEG P . 21.69 -77.99 -4.77
C1 PEG Q . 24.53 -34.27 -1.79
O1 PEG Q . 25.53 -33.23 -1.70
C2 PEG Q . 23.53 -33.97 -2.91
O2 PEG Q . 22.84 -32.72 -2.62
C3 PEG Q . 22.31 -32.09 -3.81
C4 PEG Q . 21.58 -30.79 -3.47
O4 PEG Q . 22.46 -29.80 -2.84
MG MG R . -29.75 -26.66 9.58
C1 PEG S . -10.81 -40.61 2.99
O1 PEG S . -11.35 -41.49 1.99
C2 PEG S . -11.87 -40.26 4.01
O2 PEG S . -12.52 -39.02 3.72
C3 PEG S . -13.31 -38.47 4.77
C4 PEG S . -14.63 -39.21 4.99
O4 PEG S . -15.64 -38.75 4.08
C1 PEG T . -2.15 -4.56 -22.44
O1 PEG T . -2.45 -4.99 -21.09
C2 PEG T . -1.30 -5.58 -23.23
O2 PEG T . -1.98 -6.78 -23.65
C3 PEG T . -2.26 -7.71 -22.58
C4 PEG T . -2.20 -9.20 -22.96
O4 PEG T . -3.23 -10.11 -22.44
C1 PEG U . -8.76 -26.29 -2.61
O1 PEG U . -7.61 -25.43 -2.35
C2 PEG U . -8.44 -27.20 -3.82
O2 PEG U . -7.13 -26.90 -4.43
C3 PEG U . -5.99 -27.74 -4.14
C4 PEG U . -5.29 -28.36 -5.38
O4 PEG U . -5.85 -29.66 -5.70
C1 PEG V . 8.73 -18.06 4.49
O1 PEG V . 8.50 -19.01 5.56
C2 PEG V . 10.18 -17.95 4.04
O2 PEG V . 10.86 -19.19 4.17
C3 PEG V . 10.55 -20.19 3.20
C4 PEG V . 11.60 -21.29 3.29
O4 PEG V . 10.98 -22.59 3.03
C1 PEG W . -7.53 -31.70 22.08
O1 PEG W . -7.44 -31.71 23.54
C2 PEG W . -8.05 -33.07 21.68
O2 PEG W . -7.05 -34.09 21.80
C3 PEG W . -7.61 -35.40 21.64
C4 PEG W . -6.59 -36.53 21.90
O4 PEG W . -5.89 -36.34 23.17
#